data_5TR3
#
_entry.id   5TR3
#
_cell.length_a   56.886
_cell.length_b   132.113
_cell.length_c   158.132
_cell.angle_alpha   90.00
_cell.angle_beta   90.00
_cell.angle_gamma   90.00
#
_symmetry.space_group_name_H-M   'P 21 21 21'
#
loop_
_entity.id
_entity.type
_entity.pdbx_description
1 polymer 'Dihydrolipoyl dehydrogenase'
2 non-polymer 'FLAVIN-ADENINE DINUCLEOTIDE'
3 non-polymer 2-AMINO-2-HYDROXYMETHYL-PROPANE-1,3-DIOL
4 non-polymer GLYCEROL
5 water water
#
_entity_poly.entity_id   1
_entity_poly.type   'polypeptide(L)'
_entity_poly.pdbx_seq_one_letter_code
;SNAMTQKFDVVVIGAGPGGYVAAIKAAQLGLKTACIEKYTDAEGKLALGGTCLNVGCIPSKALLDSSWKYKEAKESFNVH
GISTGEVKMDVAAMVGRKAGIVKNLTGGVATLFKANGVTSIQGHGKLLAGKKVEVTKADGTTEVIEAENVILASGSRPID
IPPAPVDQNVIVDSTGALEFQAVPKRLGVIGAGVIGLELGSVWARLGAEVTVLEALDTFLMAADTAVSKEAQKTLTKQGL
DIKLGARVTGSKVNGNEVEVTYTNAEGEQKITFDKLIVAVGRRPVTTDLLASDSGVTIDERGYIFVDDYCATSVPGVYAI
GDVVRGMMLAHKASEEGIMVVERIKGHKAQMNYDLIPSVIYTHPEIAWVGKTEQALKAEGVEVNVGTFPFAASGRAMAAN
DTGGFVKVIADAKTDRVLGVHVIGPSAAELVQQGAIAMEFGTSAEDLGMMVFSHPTLSEALHEAALAVNGGAIHVANRKK
R
;
_entity_poly.pdbx_strand_id   A,B
#
# COMPACT_ATOMS: atom_id res chain seq x y z
N MET A 4 51.25 11.95 -7.27
CA MET A 4 51.49 11.58 -5.83
C MET A 4 50.34 10.74 -5.26
N THR A 5 50.35 10.54 -3.94
CA THR A 5 49.33 9.76 -3.24
C THR A 5 47.98 10.47 -3.28
N GLN A 6 46.93 9.70 -3.59
CA GLN A 6 45.57 10.22 -3.63
C GLN A 6 45.06 10.45 -2.22
N LYS A 7 44.23 11.48 -2.07
CA LYS A 7 43.71 11.88 -0.77
C LYS A 7 42.22 12.09 -0.85
N PHE A 8 41.48 11.49 0.08
CA PHE A 8 40.03 11.64 0.14
C PHE A 8 39.64 12.02 1.57
N ASP A 9 38.50 12.72 1.71
CA ASP A 9 37.96 13.07 3.04
C ASP A 9 37.32 11.85 3.68
N VAL A 10 36.64 11.06 2.83
CA VAL A 10 35.96 9.84 3.28
C VAL A 10 36.24 8.71 2.29
N VAL A 11 36.57 7.54 2.84
CA VAL A 11 36.79 6.33 2.05
C VAL A 11 35.83 5.28 2.58
N VAL A 12 35.01 4.76 1.68
CA VAL A 12 34.02 3.77 2.03
C VAL A 12 34.41 2.44 1.39
N ILE A 13 34.51 1.40 2.21
CA ILE A 13 34.85 0.08 1.71
C ILE A 13 33.52 -0.67 1.67
N GLY A 14 33.01 -0.89 0.45
CA GLY A 14 31.75 -1.57 0.21
C GLY A 14 30.73 -0.65 -0.44
N ALA A 15 30.00 -1.19 -1.44
CA ALA A 15 28.99 -0.42 -2.18
C ALA A 15 27.55 -0.95 -2.02
N GLY A 16 27.24 -1.51 -0.85
CA GLY A 16 25.87 -2.01 -0.58
C GLY A 16 24.99 -0.87 -0.07
N PRO A 17 23.77 -1.20 0.40
CA PRO A 17 22.84 -0.19 0.92
C PRO A 17 23.44 0.74 1.97
N GLY A 18 24.41 0.24 2.72
CA GLY A 18 25.08 1.04 3.73
C GLY A 18 26.15 1.88 3.05
N GLY A 19 26.99 1.21 2.27
CA GLY A 19 28.11 1.87 1.62
C GLY A 19 27.82 2.93 0.57
N TYR A 20 27.01 2.58 -0.44
CA TYR A 20 26.74 3.53 -1.52
C TYR A 20 25.96 4.74 -1.06
N VAL A 21 24.97 4.53 -0.19
CA VAL A 21 24.18 5.64 0.36
C VAL A 21 25.08 6.62 1.13
N ALA A 22 25.98 6.07 1.95
CA ALA A 22 26.92 6.86 2.70
C ALA A 22 27.77 7.68 1.73
N ALA A 23 28.35 7.03 0.72
CA ALA A 23 29.20 7.74 -0.25
C ALA A 23 28.49 8.93 -0.88
N ILE A 24 27.31 8.68 -1.43
CA ILE A 24 26.49 9.73 -2.03
C ILE A 24 26.23 10.85 -1.02
N LYS A 25 25.80 10.46 0.19
CA LYS A 25 25.48 11.43 1.26
C LYS A 25 26.68 12.30 1.70
N ALA A 26 27.86 11.70 1.64
CA ALA A 26 29.08 12.40 1.98
C ALA A 26 29.41 13.41 0.90
N ALA A 27 29.21 13.01 -0.37
CA ALA A 27 29.44 13.89 -1.50
C ALA A 27 28.47 15.07 -1.45
N GLN A 28 27.20 14.79 -1.09
CA GLN A 28 26.18 15.86 -0.98
C GLN A 28 26.59 16.92 0.02
N LEU A 29 27.35 16.52 1.06
CA LEU A 29 27.81 17.46 2.11
C LEU A 29 29.22 18.04 1.84
N GLY A 30 29.69 17.97 0.59
CA GLY A 30 30.99 18.55 0.20
C GLY A 30 32.26 17.82 0.58
N LEU A 31 32.14 16.54 0.95
CA LEU A 31 33.29 15.72 1.32
C LEU A 31 33.79 14.97 0.09
N LYS A 32 35.08 15.07 -0.21
CA LYS A 32 35.65 14.36 -1.36
C LYS A 32 35.61 12.88 -1.00
N THR A 33 34.64 12.15 -1.57
CA THR A 33 34.43 10.75 -1.21
C THR A 33 34.86 9.74 -2.26
N ALA A 34 35.37 8.60 -1.79
CA ALA A 34 35.74 7.48 -2.68
C ALA A 34 35.09 6.22 -2.12
N CYS A 35 34.54 5.37 -3.01
CA CYS A 35 33.89 4.10 -2.60
C CYS A 35 34.52 2.91 -3.33
N ILE A 36 35.17 2.04 -2.55
CA ILE A 36 35.85 0.86 -3.08
C ILE A 36 34.91 -0.34 -3.09
N GLU A 37 34.94 -1.12 -4.16
CA GLU A 37 34.07 -2.29 -4.29
C GLU A 37 34.69 -3.35 -5.18
N LYS A 38 34.79 -4.56 -4.66
CA LYS A 38 35.39 -5.68 -5.39
C LYS A 38 34.38 -6.50 -6.21
N TYR A 39 33.09 -6.46 -5.81
CA TYR A 39 32.05 -7.25 -6.50
C TYR A 39 31.89 -6.84 -7.95
N THR A 40 31.86 -7.83 -8.84
CA THR A 40 31.70 -7.57 -10.27
C THR A 40 30.53 -8.38 -10.83
N ASP A 41 30.05 -7.98 -12.01
CA ASP A 41 28.97 -8.70 -12.68
C ASP A 41 29.59 -9.92 -13.35
N ALA A 42 28.79 -10.68 -14.09
CA ALA A 42 29.28 -11.91 -14.75
C ALA A 42 30.33 -11.68 -15.83
N GLU A 43 30.65 -10.41 -16.14
CA GLU A 43 31.65 -10.08 -17.16
C GLU A 43 32.86 -9.35 -16.56
N GLY A 44 33.04 -9.48 -15.24
CA GLY A 44 34.17 -8.86 -14.54
C GLY A 44 34.09 -7.36 -14.28
N LYS A 45 33.01 -6.71 -14.70
CA LYS A 45 32.85 -5.28 -14.52
C LYS A 45 32.19 -4.95 -13.17
N LEU A 46 32.60 -3.82 -12.60
CA LEU A 46 32.07 -3.36 -11.33
C LEU A 46 30.53 -3.39 -11.25
N ALA A 47 30.00 -3.84 -10.12
CA ALA A 47 28.54 -3.85 -9.90
C ALA A 47 28.27 -3.36 -8.50
N LEU A 48 27.68 -2.16 -8.41
CA LEU A 48 27.36 -1.55 -7.13
C LEU A 48 26.03 -2.08 -6.62
N GLY A 49 25.65 -1.68 -5.42
CA GLY A 49 24.38 -2.09 -4.83
C GLY A 49 24.44 -3.26 -3.86
N GLY A 50 25.61 -3.89 -3.74
CA GLY A 50 25.81 -4.99 -2.81
C GLY A 50 24.90 -6.18 -2.94
N THR A 51 24.72 -6.87 -1.81
CA THR A 51 23.88 -8.04 -1.72
C THR A 51 22.46 -7.66 -2.05
N CYS A 52 22.00 -6.58 -1.42
CA CYS A 52 20.64 -6.10 -1.59
C CYS A 52 20.15 -6.09 -3.02
N LEU A 53 20.90 -5.40 -3.86
CA LEU A 53 20.55 -5.23 -5.25
C LEU A 53 20.93 -6.39 -6.19
N ASN A 54 22.10 -6.98 -6.01
CA ASN A 54 22.60 -8.04 -6.91
C ASN A 54 22.12 -9.49 -6.67
N VAL A 55 22.09 -9.94 -5.41
CA VAL A 55 21.66 -11.32 -5.11
C VAL A 55 20.75 -11.41 -3.88
N GLY A 56 20.13 -10.29 -3.51
CA GLY A 56 19.28 -10.24 -2.34
C GLY A 56 17.92 -9.64 -2.54
N CYS A 57 17.69 -8.46 -1.96
CA CYS A 57 16.39 -7.78 -2.00
C CYS A 57 15.66 -7.77 -3.34
N ILE A 58 16.19 -7.00 -4.28
CA ILE A 58 15.54 -6.84 -5.58
C ILE A 58 15.25 -8.18 -6.29
N PRO A 59 16.28 -9.01 -6.52
CA PRO A 59 16.06 -10.30 -7.18
C PRO A 59 14.94 -11.14 -6.54
N SER A 60 14.97 -11.30 -5.22
CA SER A 60 13.93 -12.08 -4.54
C SER A 60 12.54 -11.51 -4.81
N LYS A 61 12.41 -10.19 -4.71
CA LYS A 61 11.12 -9.53 -4.96
C LYS A 61 10.62 -9.75 -6.38
N ALA A 62 11.53 -9.75 -7.35
CA ALA A 62 11.13 -9.94 -8.74
C ALA A 62 10.47 -11.30 -8.93
N LEU A 63 11.16 -12.34 -8.48
CA LEU A 63 10.65 -13.72 -8.57
C LEU A 63 9.39 -13.93 -7.73
N LEU A 64 9.31 -13.28 -6.58
CA LEU A 64 8.13 -13.37 -5.74
C LEU A 64 6.88 -12.80 -6.47
N ASP A 65 7.04 -11.63 -7.10
CA ASP A 65 5.93 -11.00 -7.82
C ASP A 65 5.49 -11.82 -9.04
N SER A 66 6.45 -12.32 -9.80
CA SER A 66 6.17 -13.13 -10.98
C SER A 66 5.55 -14.46 -10.60
N SER A 67 6.11 -15.11 -9.58
CA SER A 67 5.60 -16.39 -9.13
C SER A 67 4.18 -16.25 -8.54
N TRP A 68 3.88 -15.12 -7.91
CA TRP A 68 2.54 -14.90 -7.38
C TRP A 68 1.53 -14.73 -8.52
N LYS A 69 1.90 -13.95 -9.54
CA LYS A 69 1.01 -13.77 -10.69
C LYS A 69 0.66 -15.08 -11.39
N TYR A 70 1.58 -16.05 -11.31
CA TYR A 70 1.32 -17.36 -11.89
C TYR A 70 0.34 -18.15 -11.04
N LYS A 71 0.51 -18.12 -9.72
CA LYS A 71 -0.36 -18.88 -8.83
C LYS A 71 -1.77 -18.35 -8.91
N GLU A 72 -1.88 -17.02 -8.95
CA GLU A 72 -3.20 -16.40 -9.02
C GLU A 72 -3.92 -16.76 -10.32
N ALA A 73 -3.18 -16.76 -11.41
CA ALA A 73 -3.73 -17.10 -12.73
C ALA A 73 -4.23 -18.53 -12.80
N LYS A 74 -3.57 -19.43 -12.08
CA LYS A 74 -4.01 -20.83 -12.06
C LYS A 74 -5.23 -21.14 -11.23
N GLU A 75 -5.39 -20.46 -10.11
CA GLU A 75 -6.46 -20.78 -9.15
C GLU A 75 -7.54 -19.72 -8.92
N SER A 76 -7.14 -18.46 -8.80
CA SER A 76 -8.04 -17.36 -8.46
C SER A 76 -8.71 -16.58 -9.60
N PHE A 77 -8.39 -16.89 -10.86
CA PHE A 77 -9.00 -16.17 -12.00
C PHE A 77 -10.45 -16.50 -12.29
N ASN A 78 -10.84 -17.77 -12.17
CA ASN A 78 -12.24 -18.14 -12.43
C ASN A 78 -13.25 -17.33 -11.61
N VAL A 79 -12.91 -16.99 -10.37
CA VAL A 79 -13.81 -16.20 -9.51
C VAL A 79 -14.21 -14.84 -10.13
N HIS A 80 -13.28 -14.22 -10.88
CA HIS A 80 -13.53 -12.94 -11.56
C HIS A 80 -14.25 -13.10 -12.90
N GLY A 81 -14.48 -14.36 -13.32
CA GLY A 81 -15.11 -14.68 -14.62
C GLY A 81 -14.07 -14.82 -15.75
N ILE A 82 -12.78 -14.87 -15.37
CA ILE A 82 -11.70 -14.95 -16.34
C ILE A 82 -11.26 -16.38 -16.57
N SER A 83 -11.39 -16.85 -17.82
CA SER A 83 -10.93 -18.18 -18.19
C SER A 83 -9.67 -18.04 -19.06
N THR A 84 -8.80 -19.03 -18.93
CA THR A 84 -7.54 -19.06 -19.66
C THR A 84 -7.37 -20.47 -20.21
N GLY A 85 -6.41 -20.65 -21.11
CA GLY A 85 -6.10 -21.99 -21.59
C GLY A 85 -5.17 -22.54 -20.50
N GLU A 86 -4.25 -23.42 -20.88
CA GLU A 86 -3.29 -23.95 -19.89
C GLU A 86 -2.34 -22.79 -19.53
N VAL A 87 -1.98 -22.68 -18.26
CA VAL A 87 -1.11 -21.63 -17.77
C VAL A 87 0.24 -22.22 -17.48
N LYS A 88 1.27 -21.72 -18.16
CA LYS A 88 2.63 -22.25 -18.02
C LYS A 88 3.63 -21.14 -17.72
N MET A 89 4.65 -21.49 -16.95
CA MET A 89 5.72 -20.57 -16.60
C MET A 89 7.04 -21.03 -17.25
N ASP A 90 7.65 -20.13 -17.99
CA ASP A 90 8.98 -20.33 -18.62
C ASP A 90 9.96 -19.74 -17.62
N VAL A 91 10.61 -20.60 -16.85
CA VAL A 91 11.54 -20.14 -15.83
C VAL A 91 12.65 -19.23 -16.35
N ALA A 92 13.28 -19.60 -17.47
CA ALA A 92 14.38 -18.80 -18.02
C ALA A 92 13.95 -17.35 -18.25
N ALA A 93 12.74 -17.15 -18.76
CA ALA A 93 12.23 -15.80 -18.99
C ALA A 93 11.93 -15.08 -17.68
N MET A 94 11.50 -15.83 -16.66
CA MET A 94 11.19 -15.21 -15.36
C MET A 94 12.48 -14.66 -14.79
N VAL A 95 13.52 -15.50 -14.82
CA VAL A 95 14.84 -15.13 -14.33
C VAL A 95 15.50 -14.05 -15.21
N GLY A 96 15.21 -14.08 -16.51
CA GLY A 96 15.73 -13.06 -17.43
C GLY A 96 15.19 -11.67 -17.14
N ARG A 97 13.93 -11.60 -16.72
CA ARG A 97 13.30 -10.31 -16.38
C ARG A 97 14.02 -9.72 -15.18
N LYS A 98 14.30 -10.59 -14.22
CA LYS A 98 14.99 -10.18 -13.01
C LYS A 98 16.39 -9.67 -13.27
N ALA A 99 17.09 -10.32 -14.19
CA ALA A 99 18.46 -9.91 -14.53
C ALA A 99 18.46 -8.52 -15.13
N GLY A 100 17.45 -8.25 -15.97
CA GLY A 100 17.29 -6.95 -16.61
C GLY A 100 17.04 -5.86 -15.60
N ILE A 101 16.24 -6.18 -14.59
CA ILE A 101 15.94 -5.24 -13.52
C ILE A 101 17.21 -4.92 -12.72
N VAL A 102 17.98 -5.96 -12.42
CA VAL A 102 19.21 -5.82 -11.66
C VAL A 102 20.22 -4.99 -12.45
N LYS A 103 20.34 -5.30 -13.75
CA LYS A 103 21.28 -4.57 -14.59
C LYS A 103 20.90 -3.09 -14.65
N ASN A 104 19.61 -2.80 -14.81
CA ASN A 104 19.13 -1.43 -14.85
C ASN A 104 19.45 -0.69 -13.54
N LEU A 105 19.10 -1.29 -12.41
CA LEU A 105 19.33 -0.65 -11.10
C LEU A 105 20.81 -0.43 -10.75
N THR A 106 21.66 -1.43 -11.00
CA THR A 106 23.10 -1.30 -10.73
C THR A 106 23.67 -0.13 -11.54
N GLY A 107 23.23 -0.01 -12.80
CA GLY A 107 23.67 1.07 -13.68
C GLY A 107 23.26 2.43 -13.15
N GLY A 108 22.13 2.46 -12.43
CA GLY A 108 21.60 3.68 -11.88
C GLY A 108 22.39 4.17 -10.69
N VAL A 109 22.96 3.24 -9.92
CA VAL A 109 23.77 3.63 -8.76
C VAL A 109 25.03 4.27 -9.33
N ALA A 110 25.60 3.66 -10.36
CA ALA A 110 26.78 4.24 -11.01
C ALA A 110 26.45 5.66 -11.47
N THR A 111 25.23 5.83 -12.02
CA THR A 111 24.77 7.14 -12.49
C THR A 111 24.68 8.13 -11.32
N LEU A 112 24.17 7.67 -10.19
CA LEU A 112 24.08 8.52 -9.00
C LEU A 112 25.48 8.93 -8.51
N PHE A 113 26.44 8.00 -8.59
CA PHE A 113 27.82 8.27 -8.20
C PHE A 113 28.44 9.32 -9.10
N LYS A 114 28.27 9.18 -10.41
CA LYS A 114 28.86 10.16 -11.33
C LYS A 114 28.23 11.54 -11.09
N ALA A 115 26.90 11.59 -11.08
CA ALA A 115 26.14 12.85 -10.86
C ALA A 115 26.45 13.56 -9.52
N ASN A 116 26.70 12.79 -8.45
CA ASN A 116 27.06 13.34 -7.12
C ASN A 116 28.58 13.60 -6.97
N GLY A 117 29.38 13.07 -7.90
CA GLY A 117 30.84 13.28 -7.89
C GLY A 117 31.60 12.34 -6.97
N VAL A 118 31.18 11.09 -6.95
CA VAL A 118 31.81 10.06 -6.11
C VAL A 118 32.79 9.28 -6.96
N THR A 119 34.02 9.14 -6.47
CA THR A 119 35.03 8.38 -7.16
C THR A 119 34.88 6.90 -6.78
N SER A 120 34.38 6.09 -7.70
CA SER A 120 34.24 4.67 -7.42
C SER A 120 35.53 3.97 -7.88
N ILE A 121 36.07 3.10 -7.03
CA ILE A 121 37.29 2.34 -7.34
C ILE A 121 36.95 0.84 -7.32
N GLN A 122 37.35 0.15 -8.39
CA GLN A 122 37.06 -1.27 -8.52
C GLN A 122 38.21 -2.15 -7.99
N GLY A 123 38.03 -2.71 -6.81
CA GLY A 123 39.05 -3.58 -6.22
C GLY A 123 38.79 -3.93 -4.77
N HIS A 124 39.74 -4.62 -4.15
CA HIS A 124 39.65 -5.03 -2.76
C HIS A 124 40.32 -3.97 -1.88
N GLY A 125 39.56 -3.46 -0.93
CA GLY A 125 40.04 -2.43 -0.02
C GLY A 125 40.43 -3.02 1.32
N LYS A 126 41.51 -2.51 1.89
CA LYS A 126 42.00 -2.97 3.18
C LYS A 126 42.43 -1.80 4.05
N LEU A 127 41.99 -1.80 5.29
CA LEU A 127 42.33 -0.73 6.24
C LEU A 127 43.66 -0.98 6.94
N LEU A 128 44.68 -0.22 6.53
CA LEU A 128 45.99 -0.30 7.16
C LEU A 128 45.96 0.61 8.40
N ALA A 129 47.12 0.78 9.06
CA ALA A 129 47.23 1.65 10.23
C ALA A 129 47.20 3.11 9.78
N GLY A 130 46.71 3.98 10.67
CA GLY A 130 46.64 5.42 10.38
C GLY A 130 45.67 5.85 9.29
N LYS A 131 44.46 5.26 9.29
CA LYS A 131 43.42 5.58 8.30
C LYS A 131 44.04 5.63 6.89
N LYS A 132 44.75 4.57 6.54
CA LYS A 132 45.41 4.46 5.25
C LYS A 132 44.66 3.32 4.60
N VAL A 133 44.35 3.42 3.31
CA VAL A 133 43.62 2.34 2.66
C VAL A 133 44.37 1.76 1.47
N GLU A 134 44.53 0.44 1.50
CA GLU A 134 45.20 -0.33 0.47
C GLU A 134 44.18 -0.90 -0.50
N VAL A 135 44.32 -0.56 -1.77
CA VAL A 135 43.46 -1.06 -2.84
C VAL A 135 44.27 -2.08 -3.63
N THR A 136 43.69 -3.27 -3.82
CA THR A 136 44.32 -4.33 -4.58
C THR A 136 43.58 -4.45 -5.92
N LYS A 137 44.27 -4.12 -7.01
CA LYS A 137 43.69 -4.16 -8.35
C LYS A 137 43.63 -5.59 -8.86
N ALA A 138 42.92 -5.78 -9.96
CA ALA A 138 42.72 -7.10 -10.60
C ALA A 138 44.02 -7.86 -10.90
N ASP A 139 45.06 -7.16 -11.32
CA ASP A 139 46.36 -7.79 -11.66
C ASP A 139 47.34 -7.83 -10.46
N GLY A 140 46.81 -7.97 -9.24
CA GLY A 140 47.63 -8.04 -8.02
C GLY A 140 48.49 -6.84 -7.69
N THR A 141 48.24 -5.71 -8.37
CA THR A 141 48.98 -4.47 -8.13
C THR A 141 48.39 -3.87 -6.85
N THR A 142 49.21 -3.12 -6.13
CA THR A 142 48.76 -2.48 -4.89
C THR A 142 48.98 -0.98 -4.91
N GLU A 143 47.95 -0.27 -4.44
CA GLU A 143 47.94 1.17 -4.37
C GLU A 143 47.43 1.56 -2.97
N VAL A 144 48.02 2.60 -2.40
CA VAL A 144 47.65 3.07 -1.07
C VAL A 144 47.07 4.46 -1.19
N ILE A 145 45.88 4.64 -0.61
CA ILE A 145 45.21 5.93 -0.62
C ILE A 145 45.06 6.46 0.80
N GLU A 146 45.04 7.78 0.94
CA GLU A 146 44.97 8.45 2.25
C GLU A 146 43.53 8.89 2.55
N ALA A 147 43.08 8.63 3.77
CA ALA A 147 41.72 8.99 4.17
C ALA A 147 41.69 9.68 5.51
N GLU A 148 40.85 10.70 5.65
CA GLU A 148 40.68 11.39 6.92
C GLU A 148 39.61 10.65 7.75
N ASN A 149 38.70 9.97 7.06
CA ASN A 149 37.65 9.17 7.68
C ASN A 149 37.47 7.94 6.84
N VAL A 150 37.18 6.81 7.46
CA VAL A 150 36.96 5.56 6.72
C VAL A 150 35.67 4.93 7.21
N ILE A 151 34.87 4.43 6.27
CA ILE A 151 33.60 3.79 6.60
C ILE A 151 33.64 2.35 6.13
N LEU A 152 33.77 1.43 7.08
CA LEU A 152 33.80 0.00 6.82
C LEU A 152 32.38 -0.53 6.63
N ALA A 153 32.09 -1.02 5.43
CA ALA A 153 30.78 -1.55 5.07
C ALA A 153 30.89 -2.77 4.16
N SER A 154 31.50 -3.82 4.71
CA SER A 154 31.75 -5.08 4.00
C SER A 154 30.59 -6.13 4.04
N GLY A 155 29.51 -5.76 4.71
CA GLY A 155 28.33 -6.62 4.74
C GLY A 155 28.48 -8.02 5.29
N SER A 156 27.83 -8.97 4.64
CA SER A 156 27.82 -10.35 5.12
C SER A 156 27.75 -11.34 3.97
N ARG A 157 27.85 -12.62 4.32
CA ARG A 157 27.76 -13.74 3.38
C ARG A 157 26.89 -14.83 4.02
N PRO A 158 26.38 -15.78 3.21
CA PRO A 158 25.55 -16.87 3.77
C PRO A 158 26.35 -17.90 4.57
N ILE A 159 25.74 -18.42 5.63
CA ILE A 159 26.40 -19.45 6.45
C ILE A 159 26.47 -20.74 5.65
N ASP A 160 27.61 -21.41 5.74
CA ASP A 160 27.82 -22.69 5.05
C ASP A 160 27.86 -23.72 6.17
N ILE A 161 27.06 -24.79 6.05
CA ILE A 161 27.04 -25.80 7.13
C ILE A 161 27.74 -27.08 6.69
N PRO A 162 28.59 -27.66 7.56
CA PRO A 162 29.29 -28.91 7.25
C PRO A 162 28.41 -30.09 6.77
N PRO A 163 27.23 -30.32 7.38
CA PRO A 163 26.44 -31.45 6.85
C PRO A 163 25.93 -31.31 5.38
N ALA A 164 25.81 -30.08 4.86
CA ALA A 164 25.34 -29.83 3.48
C ALA A 164 26.14 -28.73 2.78
N PRO A 165 27.43 -28.98 2.49
CA PRO A 165 28.23 -27.93 1.84
C PRO A 165 27.75 -27.60 0.44
N VAL A 166 27.53 -26.32 0.21
CA VAL A 166 27.07 -25.79 -1.06
C VAL A 166 28.09 -26.10 -2.19
N ASP A 167 27.56 -26.52 -3.35
CA ASP A 167 28.38 -26.85 -4.54
C ASP A 167 27.82 -26.17 -5.80
N GLN A 168 27.06 -25.08 -5.59
N GLN A 168 27.07 -25.07 -5.60
CA GLN A 168 26.40 -24.30 -6.65
CA GLN A 168 26.45 -24.28 -6.69
C GLN A 168 25.69 -25.10 -7.76
C GLN A 168 25.69 -25.10 -7.76
N ASN A 169 25.17 -26.28 -7.39
CA ASN A 169 24.46 -27.16 -8.33
C ASN A 169 23.22 -27.84 -7.69
N VAL A 170 23.44 -28.94 -6.96
CA VAL A 170 22.37 -29.63 -6.27
C VAL A 170 22.13 -28.90 -4.95
N ILE A 171 23.20 -28.52 -4.26
CA ILE A 171 23.11 -27.78 -3.01
C ILE A 171 23.54 -26.34 -3.28
N VAL A 172 22.63 -25.39 -3.01
CA VAL A 172 22.88 -23.98 -3.26
C VAL A 172 22.51 -23.08 -2.08
N ASP A 173 22.98 -21.85 -2.13
CA ASP A 173 22.65 -20.85 -1.11
C ASP A 173 21.66 -19.90 -1.74
N SER A 174 21.34 -18.80 -1.04
CA SER A 174 20.37 -17.86 -1.56
C SER A 174 20.64 -17.43 -2.98
N THR A 175 21.90 -17.12 -3.28
CA THR A 175 22.36 -16.65 -4.60
C THR A 175 22.04 -17.66 -5.69
N GLY A 176 22.36 -18.92 -5.44
CA GLY A 176 22.07 -19.98 -6.39
C GLY A 176 20.56 -20.21 -6.59
N ALA A 177 19.79 -20.16 -5.49
CA ALA A 177 18.32 -20.38 -5.53
C ALA A 177 17.59 -19.35 -6.39
N LEU A 178 18.27 -18.26 -6.74
CA LEU A 178 17.67 -17.25 -7.61
C LEU A 178 18.05 -17.49 -9.06
N GLU A 179 18.82 -18.55 -9.34
CA GLU A 179 19.30 -18.81 -10.70
C GLU A 179 18.80 -20.09 -11.35
N PHE A 180 17.98 -20.89 -10.64
CA PHE A 180 17.53 -22.14 -11.25
C PHE A 180 16.96 -21.89 -12.65
N GLN A 181 17.18 -22.82 -13.57
N GLN A 181 17.19 -22.83 -13.56
CA GLN A 181 16.65 -22.68 -14.94
CA GLN A 181 16.73 -22.75 -14.94
C GLN A 181 15.47 -23.62 -15.16
C GLN A 181 15.48 -23.62 -15.16
N ALA A 182 15.05 -24.31 -14.09
CA ALA A 182 13.89 -25.20 -14.15
C ALA A 182 13.37 -25.36 -12.77
N VAL A 183 12.07 -25.58 -12.64
CA VAL A 183 11.46 -25.79 -11.34
C VAL A 183 11.91 -27.16 -10.84
N PRO A 184 12.53 -27.22 -9.67
CA PRO A 184 12.88 -28.52 -9.12
C PRO A 184 11.62 -29.24 -8.61
N LYS A 185 11.47 -30.50 -9.00
CA LYS A 185 10.34 -31.31 -8.61
C LYS A 185 10.24 -31.41 -7.08
N ARG A 186 11.38 -31.61 -6.43
CA ARG A 186 11.46 -31.70 -4.96
C ARG A 186 12.51 -30.73 -4.47
N LEU A 187 12.06 -29.71 -3.73
CA LEU A 187 12.91 -28.67 -3.18
C LEU A 187 12.96 -28.69 -1.68
N GLY A 188 14.16 -28.74 -1.12
CA GLY A 188 14.35 -28.72 0.33
C GLY A 188 14.95 -27.39 0.73
N VAL A 189 14.57 -26.87 1.90
CA VAL A 189 15.11 -25.60 2.37
C VAL A 189 15.55 -25.74 3.81
N ILE A 190 16.79 -25.41 4.11
CA ILE A 190 17.28 -25.49 5.50
C ILE A 190 17.21 -24.08 6.06
N GLY A 191 16.36 -23.88 7.07
CA GLY A 191 16.18 -22.57 7.71
C GLY A 191 14.81 -22.02 7.34
N ALA A 192 13.95 -21.84 8.34
CA ALA A 192 12.60 -21.30 8.13
C ALA A 192 12.55 -19.77 8.36
N GLY A 193 13.69 -19.10 8.25
CA GLY A 193 13.75 -17.67 8.44
C GLY A 193 13.22 -16.91 7.23
N VAL A 194 13.30 -15.59 7.30
CA VAL A 194 12.81 -14.71 6.23
C VAL A 194 13.25 -15.14 4.84
N ILE A 195 14.53 -15.43 4.68
CA ILE A 195 15.09 -15.78 3.38
C ILE A 195 14.59 -17.12 2.88
N GLY A 196 14.59 -18.12 3.75
CA GLY A 196 14.11 -19.45 3.39
C GLY A 196 12.66 -19.45 2.95
N LEU A 197 11.82 -18.72 3.67
CA LEU A 197 10.40 -18.65 3.34
C LEU A 197 10.11 -17.97 2.00
N GLU A 198 10.84 -16.90 1.69
CA GLU A 198 10.67 -16.19 0.42
C GLU A 198 11.12 -17.07 -0.77
N LEU A 199 12.29 -17.69 -0.63
CA LEU A 199 12.83 -18.57 -1.66
C LEU A 199 11.96 -19.83 -1.80
N GLY A 200 11.48 -20.34 -0.67
CA GLY A 200 10.62 -21.53 -0.67
C GLY A 200 9.30 -21.24 -1.35
N SER A 201 8.71 -20.07 -1.04
CA SER A 201 7.44 -19.66 -1.63
C SER A 201 7.50 -19.58 -3.17
N VAL A 202 8.57 -18.98 -3.69
CA VAL A 202 8.71 -18.83 -5.14
C VAL A 202 8.54 -20.14 -5.88
N TRP A 203 9.41 -21.11 -5.58
CA TRP A 203 9.37 -22.38 -6.31
C TRP A 203 8.14 -23.24 -5.95
N ALA A 204 7.58 -23.07 -4.75
CA ALA A 204 6.36 -23.82 -4.38
C ALA A 204 5.24 -23.42 -5.32
N ARG A 205 5.10 -22.11 -5.54
CA ARG A 205 4.07 -21.57 -6.43
C ARG A 205 4.22 -22.06 -7.84
N LEU A 206 5.46 -22.33 -8.25
CA LEU A 206 5.73 -22.80 -9.60
C LEU A 206 5.61 -24.32 -9.77
N GLY A 207 5.16 -25.03 -8.73
CA GLY A 207 4.95 -26.49 -8.79
C GLY A 207 5.91 -27.38 -8.02
N ALA A 208 6.89 -26.82 -7.34
CA ALA A 208 7.84 -27.63 -6.57
C ALA A 208 7.21 -28.20 -5.33
N GLU A 209 7.71 -29.34 -4.90
CA GLU A 209 7.27 -29.95 -3.68
C GLU A 209 8.29 -29.47 -2.64
N VAL A 210 7.94 -28.44 -1.90
CA VAL A 210 8.85 -27.82 -0.92
C VAL A 210 8.75 -28.32 0.52
N THR A 211 9.92 -28.61 1.11
CA THR A 211 10.02 -29.05 2.51
C THR A 211 11.04 -28.13 3.17
N VAL A 212 10.68 -27.53 4.30
CA VAL A 212 11.55 -26.61 5.03
C VAL A 212 11.97 -27.23 6.36
N LEU A 213 13.24 -27.57 6.50
CA LEU A 213 13.74 -28.15 7.75
C LEU A 213 14.32 -27.06 8.65
N GLU A 214 13.62 -26.79 9.75
CA GLU A 214 14.04 -25.79 10.74
C GLU A 214 14.46 -26.51 12.01
N ALA A 215 15.71 -26.25 12.43
CA ALA A 215 16.30 -26.85 13.63
C ALA A 215 15.69 -26.29 14.92
N LEU A 216 15.31 -25.01 14.88
CA LEU A 216 14.70 -24.34 16.03
C LEU A 216 13.27 -24.82 16.24
N ASP A 217 12.80 -24.75 17.49
CA ASP A 217 11.43 -25.12 17.87
C ASP A 217 10.44 -24.00 17.61
N THR A 218 10.97 -22.82 17.30
CA THR A 218 10.14 -21.64 17.04
C THR A 218 10.09 -21.29 15.56
N PHE A 219 9.19 -20.38 15.23
CA PHE A 219 8.96 -19.91 13.86
C PHE A 219 8.75 -18.40 13.93
N LEU A 220 9.71 -17.66 13.37
CA LEU A 220 9.69 -16.19 13.38
C LEU A 220 9.44 -15.66 14.78
N MET A 221 10.28 -16.04 15.76
CA MET A 221 10.06 -15.60 17.15
C MET A 221 10.20 -14.08 17.32
N ALA A 222 10.90 -13.44 16.38
CA ALA A 222 11.08 -11.98 16.41
C ALA A 222 9.77 -11.25 16.09
N ALA A 223 8.90 -11.92 15.33
CA ALA A 223 7.58 -11.38 14.99
C ALA A 223 6.64 -11.59 16.15
N ASP A 224 5.47 -10.98 16.03
CA ASP A 224 4.44 -11.10 17.06
C ASP A 224 3.92 -12.51 17.03
N THR A 225 3.56 -13.02 18.20
CA THR A 225 3.03 -14.37 18.35
C THR A 225 1.85 -14.63 17.41
N ALA A 226 0.99 -13.62 17.24
CA ALA A 226 -0.18 -13.77 16.39
C ALA A 226 0.18 -13.77 14.91
N VAL A 227 1.12 -12.89 14.54
CA VAL A 227 1.59 -12.78 13.17
C VAL A 227 2.31 -14.06 12.77
N SER A 228 3.17 -14.59 13.65
CA SER A 228 3.91 -15.83 13.35
C SER A 228 3.00 -17.08 13.34
N LYS A 229 1.97 -17.09 14.16
CA LYS A 229 1.06 -18.21 14.18
C LYS A 229 0.26 -18.25 12.87
N GLU A 230 -0.11 -17.07 12.38
CA GLU A 230 -0.88 -16.95 11.13
C GLU A 230 0.00 -17.26 9.92
N ALA A 231 1.23 -16.78 9.93
CA ALA A 231 2.15 -17.01 8.80
C ALA A 231 2.40 -18.50 8.59
N GLN A 232 2.59 -19.23 9.68
CA GLN A 232 2.85 -20.68 9.61
C GLN A 232 1.63 -21.43 9.04
N LYS A 233 0.44 -21.03 9.46
CA LYS A 233 -0.82 -21.65 9.01
C LYS A 233 -1.03 -21.41 7.51
N THR A 234 -0.91 -20.16 7.09
CA THR A 234 -1.10 -19.80 5.68
C THR A 234 0.01 -20.38 4.79
N LEU A 235 1.25 -20.36 5.26
CA LEU A 235 2.35 -20.89 4.44
C LEU A 235 2.32 -22.41 4.26
N THR A 236 1.75 -23.12 5.25
CA THR A 236 1.64 -24.58 5.15
C THR A 236 0.56 -24.92 4.12
N LYS A 237 -0.49 -24.12 4.07
CA LYS A 237 -1.57 -24.32 3.10
C LYS A 237 -1.01 -24.11 1.68
N GLN A 238 -0.10 -23.15 1.52
CA GLN A 238 0.49 -22.87 0.20
C GLN A 238 1.46 -23.93 -0.33
N GLY A 239 1.72 -24.99 0.45
CA GLY A 239 2.60 -26.08 0.01
C GLY A 239 3.98 -26.11 0.64
N LEU A 240 4.20 -25.32 1.68
CA LEU A 240 5.50 -25.35 2.36
C LEU A 240 5.37 -26.23 3.59
N ASP A 241 5.92 -27.44 3.51
CA ASP A 241 5.88 -28.38 4.62
C ASP A 241 7.00 -27.99 5.58
N ILE A 242 6.67 -27.11 6.50
CA ILE A 242 7.59 -26.60 7.52
C ILE A 242 7.68 -27.58 8.69
N LYS A 243 8.89 -28.11 8.90
CA LYS A 243 9.16 -29.07 9.99
C LYS A 243 10.08 -28.43 11.01
N LEU A 244 9.56 -28.22 12.23
CA LEU A 244 10.35 -27.61 13.30
C LEU A 244 11.01 -28.69 14.13
N GLY A 245 12.03 -28.27 14.88
CA GLY A 245 12.80 -29.19 15.72
C GLY A 245 13.50 -30.27 14.91
N ALA A 246 13.75 -29.99 13.63
CA ALA A 246 14.41 -30.92 12.72
C ALA A 246 15.84 -30.42 12.43
N ARG A 247 16.83 -31.10 12.98
CA ARG A 247 18.23 -30.72 12.81
C ARG A 247 18.87 -31.61 11.76
N VAL A 248 19.51 -30.99 10.77
CA VAL A 248 20.17 -31.72 9.69
C VAL A 248 21.52 -32.22 10.21
N THR A 249 21.76 -33.53 10.04
CA THR A 249 22.98 -34.19 10.50
C THR A 249 23.93 -34.60 9.37
N GLY A 250 23.41 -34.72 8.15
CA GLY A 250 24.23 -35.09 6.99
C GLY A 250 23.49 -35.13 5.66
N SER A 251 24.23 -35.12 4.56
CA SER A 251 23.67 -35.21 3.21
C SER A 251 24.58 -36.00 2.28
N LYS A 252 24.00 -36.60 1.24
CA LYS A 252 24.74 -37.36 0.23
C LYS A 252 24.25 -36.96 -1.16
N VAL A 253 25.11 -36.31 -1.95
CA VAL A 253 24.75 -35.94 -3.32
C VAL A 253 24.97 -37.17 -4.21
N ASN A 254 24.03 -37.45 -5.12
CA ASN A 254 24.09 -38.61 -6.04
C ASN A 254 23.49 -38.23 -7.38
N GLY A 255 24.34 -37.82 -8.33
CA GLY A 255 23.86 -37.38 -9.64
C GLY A 255 23.17 -36.05 -9.44
N ASN A 256 21.89 -35.98 -9.80
CA ASN A 256 21.08 -34.74 -9.64
C ASN A 256 20.18 -34.81 -8.42
N GLU A 257 20.60 -35.53 -7.39
CA GLU A 257 19.79 -35.68 -6.18
C GLU A 257 20.63 -35.58 -4.93
N VAL A 258 19.95 -35.30 -3.83
CA VAL A 258 20.60 -35.24 -2.54
C VAL A 258 19.67 -35.83 -1.49
N GLU A 259 20.20 -36.76 -0.72
CA GLU A 259 19.47 -37.41 0.35
C GLU A 259 19.88 -36.73 1.64
N VAL A 260 18.95 -36.02 2.27
CA VAL A 260 19.24 -35.32 3.50
C VAL A 260 18.82 -36.20 4.66
N THR A 261 19.60 -36.17 5.73
CA THR A 261 19.36 -36.95 6.94
C THR A 261 19.18 -35.97 8.10
N TYR A 262 18.05 -36.09 8.82
CA TYR A 262 17.78 -35.20 9.96
C TYR A 262 17.19 -35.91 11.17
N THR A 263 17.19 -35.20 12.29
CA THR A 263 16.70 -35.71 13.55
C THR A 263 15.72 -34.72 14.21
N ASN A 264 14.52 -35.22 14.50
CA ASN A 264 13.47 -34.44 15.20
C ASN A 264 13.07 -35.28 16.38
N ALA A 265 11.99 -34.90 17.05
CA ALA A 265 11.52 -35.65 18.24
C ALA A 265 11.17 -37.13 17.98
N GLU A 266 10.79 -37.45 16.75
CA GLU A 266 10.36 -38.81 16.38
C GLU A 266 11.48 -39.81 16.05
N GLY A 267 12.68 -39.30 15.74
CA GLY A 267 13.84 -40.16 15.40
C GLY A 267 14.64 -39.61 14.23
N GLU A 268 15.32 -40.49 13.51
CA GLU A 268 16.14 -40.11 12.35
C GLU A 268 15.37 -40.33 11.06
N GLN A 269 15.13 -39.26 10.29
CA GLN A 269 14.46 -39.42 8.98
C GLN A 269 15.36 -39.04 7.81
N LYS A 270 14.90 -39.49 6.64
CA LYS A 270 15.56 -39.26 5.39
C LYS A 270 14.53 -38.76 4.38
N ILE A 271 15.00 -37.91 3.49
CA ILE A 271 14.21 -37.36 2.43
C ILE A 271 15.18 -36.94 1.34
N THR A 272 14.76 -37.14 0.11
CA THR A 272 15.57 -36.83 -1.07
C THR A 272 15.02 -35.63 -1.83
N PHE A 273 15.89 -34.73 -2.24
CA PHE A 273 15.50 -33.56 -3.00
C PHE A 273 16.28 -33.49 -4.31
N ASP A 274 15.73 -32.77 -5.27
CA ASP A 274 16.42 -32.53 -6.52
C ASP A 274 17.34 -31.29 -6.35
N LYS A 275 16.93 -30.37 -5.49
CA LYS A 275 17.66 -29.17 -5.19
C LYS A 275 17.50 -28.87 -3.73
N LEU A 276 18.58 -28.44 -3.08
CA LEU A 276 18.58 -28.11 -1.66
C LEU A 276 19.16 -26.70 -1.46
N ILE A 277 18.37 -25.83 -0.81
CA ILE A 277 18.77 -24.45 -0.53
C ILE A 277 19.17 -24.32 0.94
N VAL A 278 20.41 -23.92 1.21
CA VAL A 278 20.87 -23.73 2.57
C VAL A 278 20.63 -22.28 2.92
N ALA A 279 19.79 -22.04 3.93
CA ALA A 279 19.46 -20.67 4.33
C ALA A 279 19.28 -20.51 5.83
N VAL A 280 20.26 -20.95 6.61
CA VAL A 280 20.18 -20.86 8.09
C VAL A 280 20.48 -19.46 8.65
N GLY A 281 21.12 -18.60 7.87
CA GLY A 281 21.47 -17.27 8.34
C GLY A 281 22.67 -16.72 7.61
N ARG A 282 23.19 -15.59 8.06
CA ARG A 282 24.33 -14.92 7.44
C ARG A 282 25.38 -14.48 8.46
N ARG A 283 26.64 -14.59 8.06
CA ARG A 283 27.81 -14.24 8.87
C ARG A 283 28.46 -12.95 8.33
N PRO A 284 28.95 -12.07 9.22
CA PRO A 284 29.60 -10.82 8.78
C PRO A 284 30.94 -11.05 8.11
N VAL A 285 31.22 -10.30 7.04
CA VAL A 285 32.45 -10.42 6.23
C VAL A 285 33.53 -9.41 6.60
N THR A 286 34.72 -9.92 6.92
CA THR A 286 35.90 -9.10 7.27
C THR A 286 37.17 -9.73 6.66
N THR A 287 36.97 -10.52 5.60
CA THR A 287 38.07 -11.21 4.92
C THR A 287 39.07 -10.21 4.35
N ASP A 288 40.30 -10.23 4.88
CA ASP A 288 41.38 -9.32 4.44
C ASP A 288 40.97 -7.84 4.50
N LEU A 289 40.02 -7.52 5.37
CA LEU A 289 39.54 -6.17 5.51
C LEU A 289 40.44 -5.30 6.39
N LEU A 290 41.07 -5.93 7.38
CA LEU A 290 41.90 -5.23 8.35
C LEU A 290 43.33 -5.72 8.45
N ALA A 291 44.27 -4.78 8.51
CA ALA A 291 45.67 -5.14 8.71
C ALA A 291 45.74 -5.46 10.20
N SER A 292 46.69 -6.30 10.60
CA SER A 292 46.84 -6.67 12.01
C SER A 292 46.97 -5.47 12.97
N ASP A 293 47.63 -4.39 12.52
CA ASP A 293 47.83 -3.18 13.33
C ASP A 293 46.91 -1.98 12.97
N SER A 294 45.75 -2.29 12.39
CA SER A 294 44.77 -1.24 12.02
C SER A 294 44.06 -0.68 13.25
N GLY A 295 44.05 -1.45 14.34
CA GLY A 295 43.42 -1.04 15.59
C GLY A 295 41.92 -1.29 15.70
N VAL A 296 41.32 -1.91 14.68
CA VAL A 296 39.87 -2.18 14.71
C VAL A 296 39.62 -3.58 15.27
N THR A 297 38.82 -3.63 16.34
CA THR A 297 38.53 -4.88 17.02
C THR A 297 37.35 -5.64 16.43
N ILE A 298 37.49 -6.96 16.33
CA ILE A 298 36.46 -7.86 15.82
C ILE A 298 35.89 -8.58 17.04
N ASP A 299 34.63 -8.97 16.98
CA ASP A 299 33.89 -9.66 18.03
C ASP A 299 33.96 -11.18 17.87
N GLU A 300 33.55 -11.89 18.93
CA GLU A 300 33.52 -13.37 18.95
C GLU A 300 32.76 -14.01 17.78
N ARG A 301 31.74 -13.31 17.28
CA ARG A 301 30.89 -13.80 16.20
C ARG A 301 31.23 -13.22 14.83
N GLY A 302 32.31 -12.43 14.74
CA GLY A 302 32.76 -11.84 13.47
C GLY A 302 32.38 -10.39 13.20
N TYR A 303 31.57 -9.79 14.08
CA TYR A 303 31.14 -8.40 13.90
C TYR A 303 32.18 -7.38 14.34
N ILE A 304 32.23 -6.25 13.65
CA ILE A 304 33.16 -5.18 14.01
C ILE A 304 32.59 -4.40 15.20
N PHE A 305 33.37 -4.25 16.27
CA PHE A 305 32.91 -3.47 17.43
C PHE A 305 32.69 -2.01 17.11
N VAL A 306 31.52 -1.51 17.52
CA VAL A 306 31.15 -0.12 17.35
C VAL A 306 30.25 0.28 18.49
N ASP A 307 30.17 1.59 18.73
CA ASP A 307 29.30 2.13 19.79
C ASP A 307 27.88 2.35 19.21
N ASP A 308 26.99 3.02 19.94
CA ASP A 308 25.62 3.26 19.42
C ASP A 308 25.54 4.16 18.19
N TYR A 309 26.68 4.77 17.83
CA TYR A 309 26.79 5.68 16.68
C TYR A 309 27.65 5.10 15.55
N CYS A 310 27.88 3.78 15.58
CA CYS A 310 28.67 3.09 14.54
C CYS A 310 30.15 3.52 14.42
N ALA A 311 30.70 4.04 15.52
CA ALA A 311 32.10 4.46 15.57
C ALA A 311 32.94 3.36 16.20
N THR A 312 34.05 3.02 15.55
CA THR A 312 34.97 2.01 16.07
C THR A 312 35.93 2.68 17.06
N SER A 313 36.84 1.88 17.63
CA SER A 313 37.82 2.36 18.60
C SER A 313 38.71 3.44 17.99
N VAL A 314 39.04 3.23 16.72
CA VAL A 314 39.91 4.14 16.01
C VAL A 314 39.17 5.42 15.65
N PRO A 315 39.75 6.60 15.99
CA PRO A 315 39.09 7.85 15.62
C PRO A 315 39.02 7.98 14.11
N GLY A 316 37.86 8.40 13.61
CA GLY A 316 37.67 8.54 12.17
C GLY A 316 37.39 7.26 11.41
N VAL A 317 37.26 6.13 12.12
CA VAL A 317 36.95 4.86 11.47
C VAL A 317 35.59 4.39 11.99
N TYR A 318 34.65 4.26 11.06
CA TYR A 318 33.30 3.85 11.36
C TYR A 318 32.98 2.56 10.64
N ALA A 319 32.01 1.81 11.16
CA ALA A 319 31.59 0.56 10.54
C ALA A 319 30.05 0.47 10.62
N ILE A 320 29.45 0.22 9.45
CA ILE A 320 28.00 0.20 9.32
C ILE A 320 27.44 -1.04 8.62
N GLY A 321 26.12 -1.21 8.70
CA GLY A 321 25.41 -2.31 8.03
C GLY A 321 25.56 -3.67 8.67
N ASP A 322 25.44 -4.72 7.85
CA ASP A 322 25.50 -6.12 8.32
C ASP A 322 26.76 -6.52 9.07
N VAL A 323 27.88 -5.88 8.75
CA VAL A 323 29.16 -6.22 9.41
C VAL A 323 29.17 -5.81 10.89
N VAL A 324 28.16 -5.05 11.32
CA VAL A 324 28.04 -4.66 12.74
C VAL A 324 26.73 -5.21 13.33
N ARG A 325 26.59 -5.07 14.64
CA ARG A 325 25.41 -5.55 15.37
C ARG A 325 24.16 -4.92 14.81
N GLY A 326 23.01 -5.54 15.07
CA GLY A 326 21.71 -5.03 14.62
C GLY A 326 21.07 -5.88 13.54
N MET A 327 19.82 -5.57 13.22
CA MET A 327 19.04 -6.31 12.22
C MET A 327 19.66 -6.20 10.83
N MET A 328 19.91 -7.33 10.18
CA MET A 328 20.53 -7.32 8.84
C MET A 328 19.53 -6.93 7.73
N LEU A 329 19.23 -5.63 7.67
CA LEU A 329 18.27 -5.08 6.71
C LEU A 329 18.92 -3.92 5.94
N ALA A 330 18.49 -3.73 4.69
CA ALA A 330 19.07 -2.70 3.83
C ALA A 330 18.83 -1.29 4.33
N HIS A 331 17.59 -1.02 4.72
CA HIS A 331 17.25 0.32 5.25
C HIS A 331 17.98 0.60 6.58
N LYS A 332 18.37 -0.44 7.31
CA LYS A 332 19.11 -0.24 8.54
C LYS A 332 20.50 0.26 8.16
N ALA A 333 21.15 -0.49 7.28
CA ALA A 333 22.47 -0.18 6.81
C ALA A 333 22.53 1.24 6.24
N SER A 334 21.55 1.58 5.39
CA SER A 334 21.51 2.90 4.77
C SER A 334 21.46 3.99 5.83
N GLU A 335 20.53 3.88 6.76
CA GLU A 335 20.41 4.91 7.80
C GLU A 335 21.65 5.03 8.68
N GLU A 336 22.35 3.92 8.90
CA GLU A 336 23.59 3.98 9.66
C GLU A 336 24.62 4.74 8.83
N GLY A 337 24.59 4.56 7.51
CA GLY A 337 25.50 5.28 6.60
C GLY A 337 25.28 6.78 6.68
N ILE A 338 24.02 7.20 6.69
CA ILE A 338 23.67 8.61 6.78
C ILE A 338 24.06 9.15 8.16
N MET A 339 23.68 8.44 9.23
CA MET A 339 24.03 8.84 10.60
C MET A 339 25.54 9.13 10.74
N VAL A 340 26.34 8.21 10.22
CA VAL A 340 27.79 8.31 10.26
C VAL A 340 28.34 9.53 9.51
N VAL A 341 27.89 9.73 8.28
CA VAL A 341 28.34 10.86 7.46
C VAL A 341 28.02 12.20 8.11
N GLU A 342 26.81 12.33 8.68
CA GLU A 342 26.42 13.56 9.35
C GLU A 342 27.30 13.81 10.59
N ARG A 343 27.61 12.73 11.32
CA ARG A 343 28.46 12.86 12.49
C ARG A 343 29.85 13.35 12.07
N ILE A 344 30.37 12.81 10.97
CA ILE A 344 31.67 13.24 10.43
C ILE A 344 31.66 14.74 10.11
N LYS A 345 30.56 15.23 9.56
CA LYS A 345 30.43 16.64 9.22
C LYS A 345 30.14 17.48 10.50
N GLY A 346 30.06 16.81 11.66
CA GLY A 346 29.83 17.47 12.94
C GLY A 346 28.39 17.59 13.42
N HIS A 347 27.44 17.03 12.67
CA HIS A 347 26.03 17.11 13.07
C HIS A 347 25.72 16.25 14.29
N LYS A 348 24.68 16.67 15.00
CA LYS A 348 24.22 16.01 16.22
C LYS A 348 23.28 14.86 15.84
N ALA A 349 23.78 13.96 15.00
CA ALA A 349 22.96 12.83 14.54
C ALA A 349 22.95 11.65 15.51
N GLN A 350 21.79 11.00 15.63
CA GLN A 350 21.64 9.83 16.48
C GLN A 350 20.47 9.02 15.97
N MET A 351 20.74 7.77 15.63
CA MET A 351 19.68 6.87 15.15
C MET A 351 18.72 6.43 16.24
N ASN A 352 17.59 5.91 15.80
CA ASN A 352 16.59 5.35 16.69
C ASN A 352 16.39 3.94 16.18
N TYR A 353 16.91 2.94 16.90
CA TYR A 353 16.76 1.51 16.52
C TYR A 353 15.41 0.89 16.86
N ASP A 354 14.59 1.58 17.65
CA ASP A 354 13.28 1.06 18.04
C ASP A 354 12.24 1.13 16.94
N LEU A 355 12.43 2.04 15.97
CA LEU A 355 11.46 2.21 14.88
C LEU A 355 11.95 1.78 13.49
N ILE A 356 12.66 0.65 13.44
CA ILE A 356 13.12 0.09 12.18
C ILE A 356 12.12 -1.02 11.85
N PRO A 357 11.29 -0.82 10.81
CA PRO A 357 10.35 -1.90 10.49
C PRO A 357 11.02 -3.08 9.81
N SER A 358 10.36 -4.23 9.87
CA SER A 358 10.85 -5.45 9.25
C SER A 358 9.78 -5.90 8.29
N VAL A 359 10.17 -6.46 7.14
CA VAL A 359 9.21 -6.91 6.15
C VAL A 359 9.61 -8.26 5.59
N ILE A 360 8.62 -9.16 5.49
CA ILE A 360 8.79 -10.50 4.93
C ILE A 360 7.87 -10.46 3.71
N TYR A 361 8.45 -10.65 2.53
CA TYR A 361 7.70 -10.52 1.27
C TYR A 361 6.99 -11.76 0.75
N THR A 362 6.50 -12.58 1.69
CA THR A 362 5.71 -13.75 1.30
C THR A 362 4.33 -13.21 0.91
N HIS A 363 3.39 -14.08 0.57
CA HIS A 363 2.05 -13.64 0.29
C HIS A 363 1.13 -14.52 1.15
N PRO A 364 0.35 -13.97 2.08
CA PRO A 364 0.28 -12.55 2.39
C PRO A 364 1.59 -11.96 2.94
N GLU A 365 1.80 -10.67 2.69
CA GLU A 365 2.99 -9.96 3.13
C GLU A 365 2.92 -9.79 4.64
N ILE A 366 4.09 -9.82 5.29
CA ILE A 366 4.21 -9.67 6.74
C ILE A 366 5.15 -8.53 7.05
N ALA A 367 4.78 -7.70 8.03
CA ALA A 367 5.61 -6.59 8.44
C ALA A 367 5.22 -6.07 9.80
N TRP A 368 6.16 -5.42 10.47
CA TRP A 368 5.91 -4.86 11.78
C TRP A 368 6.97 -3.83 12.16
N VAL A 369 6.61 -2.99 13.13
CA VAL A 369 7.51 -1.98 13.67
C VAL A 369 7.19 -1.83 15.16
N GLY A 370 8.24 -1.59 15.95
CA GLY A 370 8.11 -1.44 17.39
C GLY A 370 8.23 -2.78 18.09
N LYS A 371 7.70 -2.85 19.31
CA LYS A 371 7.76 -4.05 20.14
C LYS A 371 6.56 -4.99 19.96
N THR A 372 6.81 -6.28 20.19
CA THR A 372 5.81 -7.33 20.08
C THR A 372 4.99 -7.42 21.36
N GLU A 373 3.86 -8.13 21.31
CA GLU A 373 3.04 -8.26 22.51
C GLU A 373 3.76 -9.11 23.56
N GLN A 374 4.40 -10.19 23.14
CA GLN A 374 5.07 -11.08 24.10
C GLN A 374 6.31 -10.44 24.76
N ALA A 375 7.00 -9.56 24.02
CA ALA A 375 8.20 -8.88 24.56
C ALA A 375 7.83 -7.84 25.62
N LEU A 376 6.64 -7.24 25.48
CA LEU A 376 6.12 -6.25 26.43
C LEU A 376 5.51 -6.91 27.68
N LYS A 377 5.06 -8.17 27.58
CA LYS A 377 4.53 -8.86 28.77
C LYS A 377 5.74 -9.23 29.66
N ALA A 378 6.85 -9.58 29.02
CA ALA A 378 8.08 -9.94 29.71
C ALA A 378 8.77 -8.67 30.26
N GLU A 379 8.53 -7.54 29.60
CA GLU A 379 9.11 -6.25 30.00
C GLU A 379 8.32 -5.56 31.15
N GLY A 380 7.16 -6.13 31.51
CA GLY A 380 6.33 -5.60 32.60
C GLY A 380 5.57 -4.32 32.27
N VAL A 381 5.18 -4.19 31.00
CA VAL A 381 4.45 -3.02 30.50
C VAL A 381 3.00 -3.41 30.22
N GLU A 382 2.06 -2.74 30.91
CA GLU A 382 0.65 -3.01 30.70
C GLU A 382 0.27 -2.34 29.38
N VAL A 383 -0.32 -3.12 28.47
CA VAL A 383 -0.69 -2.62 27.14
C VAL A 383 -2.15 -2.82 26.76
N ASN A 384 -2.55 -2.03 25.76
CA ASN A 384 -3.89 -2.11 25.17
C ASN A 384 -3.70 -2.58 23.73
N VAL A 385 -4.44 -3.64 23.37
CA VAL A 385 -4.35 -4.25 22.04
C VAL A 385 -5.63 -4.15 21.22
N GLY A 386 -5.49 -3.64 20.00
CA GLY A 386 -6.60 -3.48 19.04
C GLY A 386 -6.24 -4.18 17.72
N THR A 387 -7.18 -4.95 17.15
CA THR A 387 -6.93 -5.67 15.89
C THR A 387 -8.10 -5.52 14.92
N PHE A 388 -7.82 -5.70 13.63
CA PHE A 388 -8.83 -5.61 12.59
C PHE A 388 -8.47 -6.62 11.47
N PRO A 389 -9.37 -7.55 11.16
CA PRO A 389 -9.09 -8.53 10.14
C PRO A 389 -9.41 -8.00 8.75
N PHE A 390 -8.66 -8.45 7.75
CA PHE A 390 -8.93 -8.04 6.38
C PHE A 390 -10.18 -8.69 5.83
N ALA A 391 -10.68 -9.71 6.53
CA ALA A 391 -11.93 -10.35 6.10
C ALA A 391 -13.12 -9.39 6.16
N ALA A 392 -12.95 -8.28 6.88
CA ALA A 392 -14.00 -7.25 6.98
C ALA A 392 -13.67 -5.99 6.16
N SER A 393 -12.56 -6.01 5.40
CA SER A 393 -12.18 -4.86 4.59
C SER A 393 -12.83 -4.98 3.24
N GLY A 394 -13.62 -3.98 2.87
CA GLY A 394 -14.30 -3.99 1.57
C GLY A 394 -13.30 -3.95 0.43
N ARG A 395 -12.24 -3.16 0.60
CA ARG A 395 -11.19 -3.04 -0.41
C ARG A 395 -10.53 -4.37 -0.63
N ALA A 396 -10.28 -5.09 0.45
CA ALA A 396 -9.65 -6.40 0.36
C ALA A 396 -10.55 -7.41 -0.35
N MET A 397 -11.85 -7.36 -0.09
CA MET A 397 -12.79 -8.28 -0.74
C MET A 397 -12.80 -8.05 -2.25
N ALA A 398 -12.75 -6.78 -2.64
CA ALA A 398 -12.74 -6.42 -4.06
C ALA A 398 -11.54 -7.01 -4.76
N ALA A 399 -10.41 -7.03 -4.06
CA ALA A 399 -9.15 -7.56 -4.57
C ALA A 399 -9.04 -9.07 -4.51
N ASN A 400 -10.01 -9.70 -3.83
CA ASN A 400 -10.07 -11.16 -3.62
C ASN A 400 -8.88 -11.63 -2.78
N ASP A 401 -8.47 -10.83 -1.81
CA ASP A 401 -7.32 -11.17 -0.96
C ASP A 401 -7.65 -10.70 0.47
N THR A 402 -8.45 -11.50 1.17
CA THR A 402 -8.93 -11.14 2.51
C THR A 402 -8.19 -11.67 3.75
N GLY A 403 -7.20 -12.51 3.56
CA GLY A 403 -6.48 -13.08 4.70
C GLY A 403 -5.63 -12.12 5.50
N GLY A 404 -5.55 -12.36 6.80
CA GLY A 404 -4.69 -11.58 7.70
C GLY A 404 -5.39 -10.53 8.54
N PHE A 405 -4.57 -9.73 9.23
CA PHE A 405 -5.07 -8.68 10.12
C PHE A 405 -4.02 -7.59 10.41
N VAL A 406 -4.48 -6.55 11.09
CA VAL A 406 -3.63 -5.46 11.54
C VAL A 406 -3.78 -5.45 13.06
N LYS A 407 -2.65 -5.35 13.76
CA LYS A 407 -2.62 -5.34 15.21
C LYS A 407 -1.80 -4.13 15.72
N VAL A 408 -2.46 -3.29 16.52
CA VAL A 408 -1.84 -2.09 17.12
C VAL A 408 -1.73 -2.30 18.63
N ILE A 409 -0.59 -1.86 19.19
CA ILE A 409 -0.29 -1.99 20.62
C ILE A 409 0.06 -0.61 21.21
N ALA A 410 -0.65 -0.23 22.28
CA ALA A 410 -0.39 1.04 22.96
C ALA A 410 -0.21 0.80 24.45
N ASP A 411 0.43 1.76 25.12
CA ASP A 411 0.68 1.70 26.56
C ASP A 411 -0.62 2.00 27.29
N ALA A 412 -1.00 1.17 28.27
CA ALA A 412 -2.27 1.37 28.99
C ALA A 412 -2.42 2.71 29.71
N LYS A 413 -1.32 3.33 30.10
CA LYS A 413 -1.38 4.61 30.81
C LYS A 413 -1.31 5.83 29.89
N THR A 414 -0.30 5.88 29.01
CA THR A 414 -0.13 7.03 28.10
C THR A 414 -0.92 6.94 26.79
N ASP A 415 -1.23 5.72 26.37
CA ASP A 415 -1.92 5.45 25.08
C ASP A 415 -0.91 5.57 23.88
N ARG A 416 0.37 5.77 24.17
CA ARG A 416 1.40 5.87 23.12
C ARG A 416 1.54 4.55 22.38
N VAL A 417 1.50 4.62 21.05
CA VAL A 417 1.65 3.42 20.22
C VAL A 417 3.06 2.89 20.42
N LEU A 418 3.16 1.65 20.93
CA LEU A 418 4.45 0.98 21.19
C LEU A 418 4.80 -0.01 20.09
N GLY A 419 3.85 -0.33 19.20
CA GLY A 419 4.10 -1.28 18.12
C GLY A 419 2.91 -1.51 17.20
N VAL A 420 3.21 -1.72 15.91
CA VAL A 420 2.22 -1.99 14.85
C VAL A 420 2.67 -3.24 14.10
N HIS A 421 1.76 -4.22 13.96
CA HIS A 421 2.06 -5.50 13.32
C HIS A 421 0.99 -5.87 12.31
N VAL A 422 1.43 -6.23 11.10
CA VAL A 422 0.51 -6.56 10.02
C VAL A 422 0.89 -7.81 9.20
N ILE A 423 -0.14 -8.57 8.85
CA ILE A 423 0.00 -9.71 7.97
C ILE A 423 -1.20 -9.60 7.03
N GLY A 424 -0.92 -9.31 5.76
CA GLY A 424 -1.98 -9.16 4.76
C GLY A 424 -1.58 -8.25 3.60
N PRO A 425 -2.58 -7.82 2.81
CA PRO A 425 -2.31 -6.95 1.67
C PRO A 425 -1.69 -5.63 2.10
N SER A 426 -0.71 -5.16 1.32
CA SER A 426 0.00 -3.89 1.57
C SER A 426 0.50 -3.72 3.01
N ALA A 427 0.90 -4.82 3.62
CA ALA A 427 1.41 -4.85 4.99
C ALA A 427 2.54 -3.85 5.25
N ALA A 428 3.49 -3.79 4.32
CA ALA A 428 4.66 -2.89 4.43
C ALA A 428 4.25 -1.41 4.49
N GLU A 429 3.27 -1.03 3.66
CA GLU A 429 2.75 0.35 3.62
C GLU A 429 1.97 0.72 4.87
N LEU A 430 1.15 -0.20 5.40
CA LEU A 430 0.40 0.11 6.62
C LEU A 430 1.35 0.27 7.80
N VAL A 431 2.38 -0.57 7.86
CA VAL A 431 3.35 -0.48 8.93
C VAL A 431 4.15 0.81 8.83
N GLN A 432 4.45 1.28 7.61
CA GLN A 432 5.19 2.53 7.46
C GLN A 432 4.31 3.68 8.02
N GLN A 433 3.00 3.61 7.77
CA GLN A 433 2.06 4.64 8.30
C GLN A 433 2.22 4.68 9.83
N GLY A 434 2.28 3.50 10.44
CA GLY A 434 2.50 3.38 11.89
C GLY A 434 3.82 3.98 12.32
N ALA A 435 4.89 3.58 11.64
CA ALA A 435 6.24 4.12 11.92
C ALA A 435 6.26 5.65 11.91
N ILE A 436 5.67 6.25 10.88
CA ILE A 436 5.61 7.71 10.77
C ILE A 436 4.86 8.32 11.97
N ALA A 437 3.70 7.72 12.33
CA ALA A 437 2.92 8.18 13.46
C ALA A 437 3.72 8.10 14.76
N MET A 438 4.39 6.96 14.97
CA MET A 438 5.21 6.73 16.16
C MET A 438 6.37 7.74 16.21
N GLU A 439 6.98 8.03 15.05
CA GLU A 439 8.04 9.05 14.98
C GLU A 439 7.56 10.37 15.62
N PHE A 440 6.32 10.77 15.33
CA PHE A 440 5.73 11.97 15.95
C PHE A 440 5.10 11.63 17.32
N GLY A 441 5.37 10.43 17.83
CA GLY A 441 4.84 10.01 19.15
C GLY A 441 3.32 9.92 19.22
N THR A 442 2.74 9.10 18.37
CA THR A 442 1.30 8.99 18.32
C THR A 442 0.63 8.18 19.45
N SER A 443 -0.63 8.47 19.67
CA SER A 443 -1.40 7.72 20.63
C SER A 443 -2.35 6.90 19.78
N ALA A 444 -2.92 5.85 20.37
CA ALA A 444 -3.91 5.05 19.63
C ALA A 444 -5.06 5.96 19.27
N GLU A 445 -5.39 6.90 20.15
CA GLU A 445 -6.46 7.86 19.89
C GLU A 445 -6.13 8.77 18.70
N ASP A 446 -4.90 9.34 18.66
CA ASP A 446 -4.46 10.22 17.54
C ASP A 446 -4.77 9.64 16.16
N LEU A 447 -4.40 8.37 15.94
CA LEU A 447 -4.66 7.69 14.66
C LEU A 447 -6.16 7.47 14.43
N GLY A 448 -6.87 7.08 15.50
CA GLY A 448 -8.31 6.82 15.42
C GLY A 448 -9.17 8.04 15.11
N MET A 449 -8.58 9.22 15.28
CA MET A 449 -9.27 10.47 15.02
C MET A 449 -8.94 11.06 13.64
N MET A 450 -8.05 10.41 12.89
CA MET A 450 -7.69 10.91 11.57
C MET A 450 -8.71 10.45 10.53
N VAL A 451 -8.73 11.18 9.42
CA VAL A 451 -9.62 10.84 8.33
C VAL A 451 -8.86 9.92 7.37
N PHE A 452 -9.36 8.70 7.20
CA PHE A 452 -8.78 7.69 6.30
C PHE A 452 -9.69 7.47 5.10
N SER A 453 -9.12 7.44 3.90
CA SER A 453 -9.87 7.21 2.66
C SER A 453 -10.69 5.91 2.72
N HIS A 454 -11.82 5.92 2.00
CA HIS A 454 -12.70 4.75 1.91
C HIS A 454 -13.07 4.56 0.44
N PRO A 455 -12.90 3.36 -0.11
CA PRO A 455 -12.36 2.18 0.59
C PRO A 455 -10.88 2.02 0.32
N THR A 456 -10.09 1.76 1.37
CA THR A 456 -8.65 1.54 1.21
C THR A 456 -8.19 0.54 2.24
N LEU A 457 -7.07 -0.11 1.98
CA LEU A 457 -6.49 -1.07 2.92
C LEU A 457 -6.02 -0.35 4.19
N SER A 458 -5.72 0.95 4.07
CA SER A 458 -5.26 1.74 5.20
C SER A 458 -6.29 1.78 6.32
N GLU A 459 -7.56 1.59 5.99
CA GLU A 459 -8.63 1.60 7.00
C GLU A 459 -8.44 0.54 8.07
N ALA A 460 -7.81 -0.57 7.72
CA ALA A 460 -7.58 -1.62 8.70
C ALA A 460 -6.71 -1.10 9.84
N LEU A 461 -5.79 -0.19 9.53
CA LEU A 461 -4.92 0.42 10.55
C LEU A 461 -5.74 1.39 11.40
N HIS A 462 -6.71 2.03 10.76
CA HIS A 462 -7.60 2.98 11.40
C HIS A 462 -8.52 2.22 12.38
N GLU A 463 -9.24 1.19 11.92
CA GLU A 463 -10.11 0.41 12.82
C GLU A 463 -9.30 -0.28 13.94
N ALA A 464 -8.05 -0.64 13.64
CA ALA A 464 -7.18 -1.26 14.64
C ALA A 464 -6.86 -0.26 15.75
N ALA A 465 -6.49 0.95 15.36
CA ALA A 465 -6.19 2.02 16.33
C ALA A 465 -7.41 2.35 17.21
N LEU A 466 -8.60 2.42 16.59
CA LEU A 466 -9.82 2.68 17.35
C LEU A 466 -10.14 1.54 18.30
N ALA A 467 -9.91 0.31 17.85
CA ALA A 467 -10.18 -0.90 18.66
C ALA A 467 -9.29 -0.99 19.90
N VAL A 468 -8.19 -0.24 19.90
CA VAL A 468 -7.25 -0.20 21.04
C VAL A 468 -7.99 0.23 22.30
N ASN A 469 -8.73 1.34 22.19
CA ASN A 469 -9.51 1.92 23.30
C ASN A 469 -11.01 1.57 23.16
N GLY A 470 -11.31 0.43 22.52
CA GLY A 470 -12.69 -0.02 22.33
C GLY A 470 -13.67 0.93 21.63
N GLY A 471 -13.21 1.62 20.59
CA GLY A 471 -14.04 2.56 19.82
C GLY A 471 -14.16 2.25 18.32
N ALA A 472 -13.72 1.06 17.91
CA ALA A 472 -13.80 0.65 16.50
C ALA A 472 -15.27 0.50 16.09
N ILE A 473 -15.55 0.82 14.82
CA ILE A 473 -16.90 0.80 14.25
C ILE A 473 -17.24 -0.48 13.48
N HIS A 474 -16.28 -1.00 12.73
CA HIS A 474 -16.54 -2.20 11.88
C HIS A 474 -16.24 -3.59 12.49
N VAL A 475 -15.93 -3.61 13.79
CA VAL A 475 -15.69 -4.85 14.56
C VAL A 475 -16.14 -4.58 15.98
N ALA A 476 -16.91 -5.52 16.55
CA ALA A 476 -17.42 -5.38 17.93
C ALA A 476 -16.29 -5.14 18.97
N ASN A 477 -16.62 -4.44 20.05
CA ASN A 477 -15.66 -4.11 21.13
C ASN A 477 -15.85 -4.90 22.46
N MET B 4 -49.50 3.95 21.84
CA MET B 4 -48.12 3.45 22.13
C MET B 4 -47.01 3.89 21.11
N THR B 5 -46.75 5.20 21.12
CA THR B 5 -45.73 5.81 20.27
C THR B 5 -44.33 5.38 20.67
N GLN B 6 -43.51 5.02 19.67
CA GLN B 6 -42.14 4.61 19.95
C GLN B 6 -41.28 5.82 20.20
N LYS B 7 -40.27 5.67 21.05
CA LYS B 7 -39.38 6.77 21.41
C LYS B 7 -37.93 6.35 21.31
N PHE B 8 -37.12 7.17 20.63
CA PHE B 8 -35.69 6.91 20.47
C PHE B 8 -34.91 8.15 20.87
N ASP B 9 -33.66 7.97 21.32
CA ASP B 9 -32.78 9.09 21.66
C ASP B 9 -32.24 9.72 20.34
N VAL B 10 -31.94 8.87 19.37
CA VAL B 10 -31.46 9.31 18.06
C VAL B 10 -32.19 8.55 16.95
N VAL B 11 -32.63 9.28 15.94
CA VAL B 11 -33.26 8.71 14.75
C VAL B 11 -32.42 9.16 13.55
N VAL B 12 -31.96 8.18 12.79
CA VAL B 12 -31.16 8.44 11.62
C VAL B 12 -31.96 8.08 10.38
N ILE B 13 -32.11 9.02 9.46
CA ILE B 13 -32.81 8.77 8.22
C ILE B 13 -31.69 8.58 7.18
N GLY B 14 -31.50 7.33 6.78
CA GLY B 14 -30.51 6.92 5.81
C GLY B 14 -29.48 5.99 6.42
N ALA B 15 -29.09 4.96 5.67
CA ALA B 15 -28.13 3.94 6.10
C ALA B 15 -26.82 3.91 5.29
N GLY B 16 -26.39 5.05 4.77
CA GLY B 16 -25.13 5.10 4.00
C GLY B 16 -23.92 5.27 4.93
N PRO B 17 -22.72 5.50 4.35
CA PRO B 17 -21.49 5.70 5.12
C PRO B 17 -21.64 6.73 6.26
N GLY B 18 -22.49 7.73 6.06
CA GLY B 18 -22.74 8.73 7.07
C GLY B 18 -23.74 8.18 8.07
N GLY B 19 -24.86 7.67 7.56
CA GLY B 19 -25.94 7.18 8.40
C GLY B 19 -25.71 5.97 9.28
N TYR B 20 -25.24 4.86 8.70
CA TYR B 20 -25.03 3.66 9.48
C TYR B 20 -23.91 3.82 10.50
N VAL B 21 -22.80 4.48 10.12
CA VAL B 21 -21.70 4.71 11.06
C VAL B 21 -22.18 5.52 12.28
N ALA B 22 -22.97 6.56 12.00
CA ALA B 22 -23.54 7.38 13.04
C ALA B 22 -24.42 6.52 13.96
N ALA B 23 -25.32 5.73 13.38
CA ALA B 23 -26.22 4.87 14.19
C ALA B 23 -25.43 3.99 15.14
N ILE B 24 -24.47 3.24 14.58
CA ILE B 24 -23.61 2.37 15.39
C ILE B 24 -22.92 3.17 16.48
N LYS B 25 -22.31 4.31 16.10
CA LYS B 25 -21.57 5.17 17.05
C LYS B 25 -22.44 5.72 18.18
N ALA B 26 -23.71 5.98 17.88
CA ALA B 26 -24.67 6.47 18.86
C ALA B 26 -25.00 5.35 19.82
N ALA B 27 -25.16 4.15 19.30
CA ALA B 27 -25.44 2.98 20.13
C ALA B 27 -24.24 2.69 21.05
N GLN B 28 -23.03 2.81 20.51
CA GLN B 28 -21.80 2.63 21.31
C GLN B 28 -21.74 3.58 22.50
N LEU B 29 -22.33 4.76 22.37
CA LEU B 29 -22.37 5.76 23.44
C LEU B 29 -23.65 5.69 24.32
N GLY B 30 -24.36 4.56 24.27
CA GLY B 30 -25.55 4.33 25.10
C GLY B 30 -26.86 5.00 24.72
N LEU B 31 -26.94 5.52 23.49
CA LEU B 31 -28.14 6.19 22.99
C LEU B 31 -29.04 5.19 22.29
N LYS B 32 -30.32 5.13 22.66
CA LYS B 32 -31.25 4.20 22.03
C LYS B 32 -31.45 4.73 20.60
N THR B 33 -30.81 4.09 19.63
CA THR B 33 -30.82 4.56 18.24
C THR B 33 -31.68 3.74 17.28
N ALA B 34 -32.31 4.43 16.34
CA ALA B 34 -33.09 3.78 15.27
C ALA B 34 -32.61 4.35 13.93
N CYS B 35 -32.45 3.48 12.92
CA CYS B 35 -32.00 3.90 11.57
C CYS B 35 -32.99 3.47 10.49
N ILE B 36 -33.64 4.44 9.88
CA ILE B 36 -34.63 4.23 8.84
C ILE B 36 -33.99 4.19 7.46
N GLU B 37 -34.42 3.27 6.62
CA GLU B 37 -33.86 3.13 5.27
C GLU B 37 -34.87 2.52 4.31
N LYS B 38 -35.10 3.19 3.19
CA LYS B 38 -36.05 2.73 2.19
C LYS B 38 -35.43 1.80 1.15
N TYR B 39 -34.12 1.93 0.92
CA TYR B 39 -33.41 1.15 -0.10
C TYR B 39 -33.49 -0.35 0.18
N THR B 40 -33.84 -1.10 -0.85
CA THR B 40 -33.97 -2.55 -0.74
C THR B 40 -33.11 -3.26 -1.81
N ASP B 41 -32.83 -4.53 -1.58
CA ASP B 41 -32.07 -5.34 -2.54
C ASP B 41 -33.02 -5.74 -3.65
N ALA B 42 -32.53 -6.54 -4.59
CA ALA B 42 -33.35 -6.98 -5.73
C ALA B 42 -34.55 -7.88 -5.37
N GLU B 43 -34.73 -8.19 -4.09
CA GLU B 43 -35.87 -9.01 -3.64
C GLU B 43 -36.79 -8.22 -2.67
N GLY B 44 -36.67 -6.90 -2.69
CA GLY B 44 -37.49 -6.04 -1.83
C GLY B 44 -37.09 -5.94 -0.36
N LYS B 45 -36.03 -6.65 0.04
CA LYS B 45 -35.57 -6.65 1.42
C LYS B 45 -34.57 -5.55 1.73
N LEU B 46 -34.60 -5.05 2.94
CA LEU B 46 -33.71 -3.99 3.38
C LEU B 46 -32.22 -4.21 3.02
N ALA B 47 -31.56 -3.17 2.54
CA ALA B 47 -30.13 -3.25 2.24
C ALA B 47 -29.45 -1.99 2.74
N LEU B 48 -28.62 -2.15 3.77
CA LEU B 48 -27.90 -1.07 4.39
C LEU B 48 -26.63 -0.77 3.59
N GLY B 49 -25.93 0.31 3.96
CA GLY B 49 -24.70 0.66 3.30
C GLY B 49 -24.79 1.76 2.25
N GLY B 50 -26.01 2.16 1.92
CA GLY B 50 -26.26 3.24 0.96
C GLY B 50 -25.69 3.04 -0.42
N THR B 51 -25.45 4.17 -1.08
CA THR B 51 -24.88 4.20 -2.41
C THR B 51 -23.51 3.62 -2.37
N CYS B 52 -22.71 4.02 -1.41
CA CYS B 52 -21.33 3.54 -1.28
C CYS B 52 -21.16 2.05 -1.46
N LEU B 53 -21.90 1.30 -0.66
CA LEU B 53 -21.83 -0.13 -0.66
C LEU B 53 -22.65 -0.86 -1.74
N ASN B 54 -23.86 -0.38 -2.02
CA ASN B 54 -24.76 -1.06 -2.99
C ASN B 54 -24.59 -0.75 -4.49
N VAL B 55 -24.41 0.52 -4.86
CA VAL B 55 -24.23 0.88 -6.28
C VAL B 55 -23.12 1.91 -6.50
N GLY B 56 -22.19 2.02 -5.55
CA GLY B 56 -21.12 3.00 -5.64
C GLY B 56 -19.73 2.44 -5.41
N CYS B 57 -19.12 2.83 -4.29
CA CYS B 57 -17.74 2.46 -3.94
C CYS B 57 -17.37 0.99 -4.15
N ILE B 58 -17.94 0.10 -3.33
CA ILE B 58 -17.58 -1.31 -3.41
C ILE B 58 -17.76 -1.92 -4.81
N PRO B 59 -18.97 -1.85 -5.38
CA PRO B 59 -19.20 -2.38 -6.71
C PRO B 59 -18.16 -1.91 -7.77
N SER B 60 -17.90 -0.61 -7.84
CA SER B 60 -16.95 -0.08 -8.80
C SER B 60 -15.57 -0.71 -8.59
N LYS B 61 -15.13 -0.81 -7.33
CA LYS B 61 -13.82 -1.41 -7.01
C LYS B 61 -13.76 -2.86 -7.40
N ALA B 62 -14.85 -3.60 -7.24
CA ALA B 62 -14.86 -5.01 -7.60
C ALA B 62 -14.59 -5.18 -9.08
N LEU B 63 -15.36 -4.47 -9.91
CA LEU B 63 -15.21 -4.53 -11.36
C LEU B 63 -13.85 -3.97 -11.83
N LEU B 64 -13.35 -2.94 -11.15
CA LEU B 64 -12.05 -2.38 -11.48
C LEU B 64 -10.94 -3.41 -11.25
N ASP B 65 -10.97 -4.12 -10.13
CA ASP B 65 -9.97 -5.15 -9.81
C ASP B 65 -10.04 -6.34 -10.77
N SER B 66 -11.26 -6.81 -11.06
CA SER B 66 -11.45 -7.93 -11.98
C SER B 66 -11.06 -7.55 -13.40
N SER B 67 -11.48 -6.36 -13.85
CA SER B 67 -11.15 -5.90 -15.19
C SER B 67 -9.66 -5.66 -15.34
N TRP B 68 -8.99 -5.22 -14.26
CA TRP B 68 -7.53 -5.00 -14.34
C TRP B 68 -6.81 -6.34 -14.45
N LYS B 69 -7.23 -7.34 -13.66
CA LYS B 69 -6.62 -8.68 -13.76
C LYS B 69 -6.74 -9.28 -15.16
N TYR B 70 -7.78 -8.91 -15.88
CA TYR B 70 -7.95 -9.39 -17.25
C TYR B 70 -6.99 -8.66 -18.19
N LYS B 71 -6.85 -7.34 -18.04
CA LYS B 71 -5.97 -6.58 -18.93
C LYS B 71 -4.55 -7.01 -18.73
N GLU B 72 -4.18 -7.21 -17.47
CA GLU B 72 -2.81 -7.61 -17.16
C GLU B 72 -2.49 -8.98 -17.74
N ALA B 73 -3.44 -9.90 -17.65
CA ALA B 73 -3.28 -11.25 -18.18
C ALA B 73 -3.10 -11.26 -19.69
N LYS B 74 -3.76 -10.34 -20.38
CA LYS B 74 -3.63 -10.26 -21.83
C LYS B 74 -2.34 -9.67 -22.36
N GLU B 75 -1.81 -8.66 -21.67
CA GLU B 75 -0.61 -7.98 -22.16
C GLU B 75 0.65 -8.01 -21.33
N SER B 76 0.56 -7.95 -20.00
CA SER B 76 1.73 -7.93 -19.11
C SER B 76 2.26 -9.28 -18.58
N PHE B 77 1.59 -10.38 -18.87
CA PHE B 77 2.04 -11.71 -18.37
C PHE B 77 3.29 -12.26 -19.07
N ASN B 78 3.36 -12.09 -20.38
CA ASN B 78 4.52 -12.52 -21.18
C ASN B 78 5.88 -12.14 -20.55
N VAL B 79 5.97 -10.91 -20.05
CA VAL B 79 7.20 -10.38 -19.47
C VAL B 79 7.75 -11.24 -18.31
N HIS B 80 6.85 -11.82 -17.51
CA HIS B 80 7.21 -12.68 -16.37
C HIS B 80 7.48 -14.12 -16.79
N GLY B 81 7.28 -14.44 -18.07
CA GLY B 81 7.43 -15.81 -18.61
C GLY B 81 6.14 -16.64 -18.53
N ILE B 82 5.04 -15.96 -18.23
CA ILE B 82 3.75 -16.64 -18.06
C ILE B 82 2.91 -16.62 -19.34
N SER B 83 2.60 -17.81 -19.82
CA SER B 83 1.74 -17.99 -20.96
C SER B 83 0.39 -18.58 -20.49
N THR B 84 -0.64 -18.20 -21.22
CA THR B 84 -2.00 -18.63 -21.04
C THR B 84 -2.49 -18.89 -22.47
N GLY B 85 -3.65 -19.52 -22.64
CA GLY B 85 -4.19 -19.67 -24.02
C GLY B 85 -4.90 -18.34 -24.24
N GLU B 86 -6.00 -18.34 -25.00
CA GLU B 86 -6.80 -17.11 -25.15
C GLU B 86 -7.41 -16.82 -23.74
N VAL B 87 -7.48 -15.53 -23.40
CA VAL B 87 -7.97 -15.06 -22.14
C VAL B 87 -9.32 -14.45 -22.41
N LYS B 88 -10.36 -14.98 -21.75
CA LYS B 88 -11.72 -14.51 -21.95
C LYS B 88 -12.38 -14.13 -20.64
N MET B 89 -13.22 -13.10 -20.73
CA MET B 89 -13.99 -12.62 -19.61
C MET B 89 -15.47 -12.90 -19.84
N ASP B 90 -16.08 -13.60 -18.86
CA ASP B 90 -17.51 -13.89 -18.81
C ASP B 90 -18.06 -12.78 -17.94
N VAL B 91 -18.67 -11.78 -18.57
CA VAL B 91 -19.18 -10.65 -17.82
C VAL B 91 -20.20 -11.00 -16.73
N ALA B 92 -21.13 -11.89 -17.02
CA ALA B 92 -22.14 -12.29 -16.01
C ALA B 92 -21.47 -12.77 -14.73
N ALA B 93 -20.42 -13.57 -14.84
CA ALA B 93 -19.70 -14.06 -13.67
C ALA B 93 -18.92 -12.95 -12.99
N MET B 94 -18.43 -11.97 -13.74
CA MET B 94 -17.69 -10.86 -13.14
C MET B 94 -18.62 -10.08 -12.27
N VAL B 95 -19.80 -9.78 -12.81
CA VAL B 95 -20.84 -9.04 -12.10
C VAL B 95 -21.42 -9.90 -10.95
N GLY B 96 -21.47 -11.21 -11.12
CA GLY B 96 -21.94 -12.12 -10.06
C GLY B 96 -21.00 -12.11 -8.84
N ARG B 97 -19.71 -11.99 -9.07
CA ARG B 97 -18.73 -11.95 -7.97
C ARG B 97 -18.96 -10.68 -7.17
N LYS B 98 -19.19 -9.59 -7.90
CA LYS B 98 -19.45 -8.30 -7.28
C LYS B 98 -20.72 -8.33 -6.40
N ALA B 99 -21.76 -9.00 -6.89
CA ALA B 99 -23.02 -9.09 -6.18
C ALA B 99 -22.84 -9.86 -4.87
N GLY B 100 -22.03 -10.90 -4.92
CA GLY B 100 -21.73 -11.72 -3.74
C GLY B 100 -21.00 -10.91 -2.69
N ILE B 101 -20.08 -10.06 -3.14
CA ILE B 101 -19.33 -9.19 -2.24
C ILE B 101 -20.28 -8.18 -1.58
N VAL B 102 -21.16 -7.61 -2.38
CA VAL B 102 -22.13 -6.63 -1.89
C VAL B 102 -23.08 -7.30 -0.89
N LYS B 103 -23.57 -8.48 -1.24
CA LYS B 103 -24.48 -9.20 -0.35
C LYS B 103 -23.80 -9.50 0.99
N ASN B 104 -22.56 -9.95 0.93
CA ASN B 104 -21.81 -10.25 2.16
C ASN B 104 -21.62 -8.99 3.02
N LEU B 105 -21.18 -7.89 2.41
CA LEU B 105 -20.96 -6.63 3.16
C LEU B 105 -22.22 -6.01 3.76
N THR B 106 -23.31 -5.98 2.99
CA THR B 106 -24.59 -5.45 3.49
C THR B 106 -25.04 -6.26 4.71
N GLY B 107 -24.87 -7.58 4.64
CA GLY B 107 -25.21 -8.47 5.76
C GLY B 107 -24.37 -8.20 6.99
N GLY B 108 -23.16 -7.71 6.78
CA GLY B 108 -22.25 -7.38 7.87
C GLY B 108 -22.64 -6.12 8.60
N VAL B 109 -23.23 -5.17 7.88
CA VAL B 109 -23.69 -3.93 8.52
C VAL B 109 -24.88 -4.32 9.38
N ALA B 110 -25.77 -5.16 8.87
CA ALA B 110 -26.89 -5.65 9.65
C ALA B 110 -26.37 -6.33 10.92
N THR B 111 -25.28 -7.08 10.79
CA THR B 111 -24.66 -7.77 11.92
C THR B 111 -24.14 -6.76 12.94
N LEU B 112 -23.53 -5.69 12.46
CA LEU B 112 -23.04 -4.63 13.34
C LEU B 112 -24.19 -3.94 14.07
N PHE B 113 -25.31 -3.75 13.37
CA PHE B 113 -26.53 -3.17 13.95
C PHE B 113 -27.07 -4.05 15.06
N LYS B 114 -27.19 -5.35 14.81
CA LYS B 114 -27.72 -6.25 15.85
C LYS B 114 -26.77 -6.25 17.07
N ALA B 115 -25.49 -6.48 16.83
CA ALA B 115 -24.47 -6.52 17.89
C ALA B 115 -24.35 -5.24 18.73
N ASN B 116 -24.54 -4.07 18.09
CA ASN B 116 -24.51 -2.76 18.80
C ASN B 116 -25.90 -2.37 19.37
N GLY B 117 -26.96 -3.09 18.98
CA GLY B 117 -28.32 -2.83 19.49
C GLY B 117 -29.07 -1.71 18.79
N VAL B 118 -28.91 -1.62 17.47
CA VAL B 118 -29.56 -0.59 16.68
C VAL B 118 -30.83 -1.15 16.06
N THR B 119 -31.93 -0.42 16.22
CA THR B 119 -33.21 -0.82 15.66
C THR B 119 -33.28 -0.28 14.23
N SER B 120 -33.20 -1.19 13.27
CA SER B 120 -33.24 -0.84 11.86
C SER B 120 -34.73 -0.89 11.42
N ILE B 121 -35.22 0.16 10.75
CA ILE B 121 -36.61 0.23 10.26
C ILE B 121 -36.59 0.35 8.74
N GLN B 122 -37.34 -0.51 8.07
CA GLN B 122 -37.41 -0.52 6.63
C GLN B 122 -38.58 0.29 6.10
N GLY B 123 -38.27 1.49 5.58
CA GLY B 123 -39.32 2.33 5.00
C GLY B 123 -38.85 3.73 4.70
N HIS B 124 -39.79 4.58 4.31
CA HIS B 124 -39.49 5.99 4.00
C HIS B 124 -39.69 6.83 5.24
N GLY B 125 -38.65 7.55 5.63
CA GLY B 125 -38.68 8.41 6.80
C GLY B 125 -38.86 9.86 6.41
N LYS B 126 -39.66 10.59 7.18
CA LYS B 126 -39.93 12.00 6.92
C LYS B 126 -39.92 12.78 8.24
N LEU B 127 -39.20 13.90 8.25
CA LEU B 127 -39.10 14.74 9.43
C LEU B 127 -40.25 15.73 9.55
N LEU B 128 -41.18 15.45 10.47
CA LEU B 128 -42.31 16.33 10.74
C LEU B 128 -41.81 17.42 11.73
N ALA B 129 -42.73 18.25 12.20
CA ALA B 129 -42.37 19.30 13.18
C ALA B 129 -42.14 18.68 14.54
N GLY B 130 -41.29 19.33 15.35
CA GLY B 130 -41.01 18.86 16.71
C GLY B 130 -40.23 17.56 16.83
N LYS B 131 -39.20 17.40 15.98
CA LYS B 131 -38.35 16.21 15.97
C LYS B 131 -39.22 14.95 16.04
N LYS B 132 -40.19 14.89 15.14
CA LYS B 132 -41.14 13.79 15.08
C LYS B 132 -40.82 13.16 13.75
N VAL B 133 -40.79 11.84 13.67
CA VAL B 133 -40.46 11.18 12.41
C VAL B 133 -41.56 10.23 11.95
N GLU B 134 -42.00 10.45 10.72
CA GLU B 134 -43.04 9.67 10.06
C GLU B 134 -42.41 8.60 9.18
N VAL B 135 -42.74 7.34 9.48
CA VAL B 135 -42.25 6.21 8.73
C VAL B 135 -43.41 5.68 7.89
N THR B 136 -43.17 5.53 6.60
CA THR B 136 -44.17 5.03 5.67
C THR B 136 -43.80 3.59 5.29
N LYS B 137 -44.65 2.65 5.67
CA LYS B 137 -44.40 1.23 5.38
C LYS B 137 -44.76 0.92 3.93
N ALA B 138 -44.35 -0.27 3.48
CA ALA B 138 -44.57 -0.73 2.09
C ALA B 138 -46.02 -0.65 1.60
N ASP B 139 -46.98 -0.96 2.47
CA ASP B 139 -48.40 -0.91 2.11
C ASP B 139 -49.08 0.46 2.40
N GLY B 140 -48.31 1.54 2.27
CA GLY B 140 -48.84 2.90 2.50
C GLY B 140 -49.36 3.23 3.89
N THR B 141 -49.06 2.37 4.87
CA THR B 141 -49.47 2.59 6.25
C THR B 141 -48.49 3.62 6.82
N THR B 142 -48.94 4.39 7.81
CA THR B 142 -48.08 5.40 8.42
C THR B 142 -47.97 5.24 9.93
N GLU B 143 -46.75 5.43 10.43
CA GLU B 143 -46.42 5.40 11.84
C GLU B 143 -45.57 6.62 12.16
N VAL B 144 -45.79 7.23 13.32
CA VAL B 144 -45.03 8.40 13.75
C VAL B 144 -44.22 8.03 14.99
N ILE B 145 -42.92 8.30 14.95
CA ILE B 145 -42.01 7.96 16.03
C ILE B 145 -41.41 9.25 16.61
N GLU B 146 -41.06 9.21 17.88
CA GLU B 146 -40.52 10.37 18.60
C GLU B 146 -39.01 10.30 18.74
N ALA B 147 -38.35 11.42 18.49
CA ALA B 147 -36.89 11.48 18.60
C ALA B 147 -36.41 12.69 19.36
N GLU B 148 -35.38 12.51 20.18
CA GLU B 148 -34.77 13.63 20.91
C GLU B 148 -33.69 14.29 20.00
N ASN B 149 -33.14 13.50 19.09
CA ASN B 149 -32.18 13.97 18.10
C ASN B 149 -32.48 13.26 16.81
N VAL B 150 -32.31 13.95 15.71
CA VAL B 150 -32.52 13.36 14.38
C VAL B 150 -31.31 13.65 13.53
N ILE B 151 -30.85 12.64 12.79
CA ILE B 151 -29.71 12.78 11.89
C ILE B 151 -30.18 12.52 10.46
N LEU B 152 -30.28 13.61 9.70
CA LEU B 152 -30.68 13.55 8.28
C LEU B 152 -29.46 13.16 7.44
N ALA B 153 -29.55 12.00 6.79
CA ALA B 153 -28.48 11.43 5.98
C ALA B 153 -29.03 10.73 4.76
N SER B 154 -29.69 11.50 3.90
CA SER B 154 -30.33 11.00 2.66
C SER B 154 -29.39 10.98 1.41
N GLY B 155 -28.14 11.37 1.59
CA GLY B 155 -27.17 11.30 0.50
C GLY B 155 -27.49 12.04 -0.78
N SER B 156 -27.23 11.39 -1.91
CA SER B 156 -27.43 11.99 -3.21
C SER B 156 -27.86 10.98 -4.25
N ARG B 157 -28.17 11.49 -5.45
CA ARG B 157 -28.56 10.69 -6.62
C ARG B 157 -27.85 11.27 -7.85
N PRO B 158 -27.78 10.53 -8.96
CA PRO B 158 -27.12 11.04 -10.17
C PRO B 158 -27.90 12.14 -10.89
N ILE B 159 -27.19 13.11 -11.44
CA ILE B 159 -27.82 14.19 -12.20
C ILE B 159 -28.33 13.62 -13.53
N ASP B 160 -29.53 14.04 -13.91
CA ASP B 160 -30.15 13.59 -15.15
C ASP B 160 -30.10 14.77 -16.09
N ILE B 161 -29.62 14.59 -17.32
CA ILE B 161 -29.56 15.70 -18.26
C ILE B 161 -30.64 15.58 -19.35
N PRO B 162 -31.31 16.71 -19.67
CA PRO B 162 -32.35 16.71 -20.70
C PRO B 162 -31.97 16.11 -22.06
N PRO B 163 -30.76 16.41 -22.59
CA PRO B 163 -30.45 15.83 -23.91
C PRO B 163 -30.33 14.28 -23.96
N ALA B 164 -30.03 13.63 -22.84
CA ALA B 164 -29.88 12.17 -22.78
C ALA B 164 -30.53 11.56 -21.53
N PRO B 165 -31.87 11.59 -21.47
CA PRO B 165 -32.54 11.03 -20.30
C PRO B 165 -32.34 9.51 -20.20
N VAL B 166 -31.90 9.09 -19.01
CA VAL B 166 -31.67 7.69 -18.72
C VAL B 166 -32.97 6.86 -18.86
N ASP B 167 -32.85 5.67 -19.47
CA ASP B 167 -33.98 4.73 -19.68
C ASP B 167 -33.62 3.31 -19.21
N GLN B 168 -32.61 3.21 -18.32
CA GLN B 168 -32.10 1.96 -17.75
C GLN B 168 -31.84 0.83 -18.77
N ASN B 169 -31.52 1.18 -20.01
CA ASN B 169 -31.28 0.20 -21.07
C ASN B 169 -30.08 0.62 -22.01
N VAL B 170 -30.35 1.50 -22.96
CA VAL B 170 -29.32 2.01 -23.85
C VAL B 170 -28.60 3.14 -23.14
N ILE B 171 -29.39 4.01 -22.49
CA ILE B 171 -28.83 5.13 -21.72
C ILE B 171 -29.01 4.81 -20.23
N VAL B 172 -27.90 4.75 -19.50
CA VAL B 172 -27.89 4.39 -18.09
C VAL B 172 -27.07 5.36 -17.24
N ASP B 173 -27.28 5.28 -15.92
CA ASP B 173 -26.51 6.08 -14.98
C ASP B 173 -25.49 5.16 -14.33
N SER B 174 -24.80 5.65 -13.30
CA SER B 174 -23.76 4.84 -12.67
C SER B 174 -24.24 3.49 -12.25
N THR B 175 -25.44 3.43 -11.66
CA THR B 175 -26.05 2.17 -11.19
C THR B 175 -26.20 1.15 -12.29
N GLY B 176 -26.74 1.59 -13.42
CA GLY B 176 -26.92 0.72 -14.59
C GLY B 176 -25.60 0.25 -15.18
N ALA B 177 -24.61 1.15 -15.25
CA ALA B 177 -23.28 0.82 -15.81
C ALA B 177 -22.57 -0.28 -15.04
N LEU B 178 -23.04 -0.60 -13.84
CA LEU B 178 -22.45 -1.68 -13.05
C LEU B 178 -23.22 -2.98 -13.28
N GLU B 179 -24.23 -2.96 -14.14
CA GLU B 179 -25.04 -4.16 -14.38
C GLU B 179 -24.97 -4.75 -15.78
N PHE B 180 -24.21 -4.15 -16.71
CA PHE B 180 -24.19 -4.71 -18.08
C PHE B 180 -23.91 -6.21 -18.06
N GLN B 181 -24.54 -6.95 -18.96
N GLN B 181 -24.56 -6.92 -18.97
CA GLN B 181 -24.35 -8.42 -19.00
CA GLN B 181 -24.45 -8.38 -19.07
C GLN B 181 -23.48 -8.85 -20.17
C GLN B 181 -23.68 -8.82 -20.29
N ALA B 182 -22.96 -7.87 -20.90
CA ALA B 182 -22.10 -8.11 -22.06
C ALA B 182 -21.36 -6.83 -22.28
N VAL B 183 -20.14 -6.96 -22.79
CA VAL B 183 -19.34 -5.79 -23.07
C VAL B 183 -19.94 -5.06 -24.26
N PRO B 184 -20.28 -3.77 -24.09
CA PRO B 184 -20.77 -3.04 -25.25
C PRO B 184 -19.57 -2.70 -26.20
N LYS B 185 -19.75 -2.99 -27.48
CA LYS B 185 -18.76 -2.70 -28.50
C LYS B 185 -18.35 -1.23 -28.46
N ARG B 186 -19.35 -0.35 -28.36
CA ARG B 186 -19.12 1.10 -28.34
C ARG B 186 -19.78 1.70 -27.13
N LEU B 187 -18.98 2.22 -26.21
CA LEU B 187 -19.44 2.82 -24.98
C LEU B 187 -19.13 4.30 -24.90
N GLY B 188 -20.14 5.11 -24.63
CA GLY B 188 -19.97 6.55 -24.48
C GLY B 188 -20.16 6.93 -23.02
N VAL B 189 -19.40 7.91 -22.53
CA VAL B 189 -19.54 8.33 -21.14
C VAL B 189 -19.65 9.85 -21.09
N ILE B 190 -20.70 10.38 -20.46
CA ILE B 190 -20.84 11.82 -20.33
C ILE B 190 -20.33 12.21 -18.96
N GLY B 191 -19.25 12.98 -18.91
CA GLY B 191 -18.63 13.41 -17.66
C GLY B 191 -17.32 12.67 -17.46
N ALA B 192 -16.22 13.43 -17.42
CA ALA B 192 -14.87 12.89 -17.24
C ALA B 192 -14.43 12.95 -15.78
N GLY B 193 -15.40 13.00 -14.85
CA GLY B 193 -15.08 13.04 -13.43
C GLY B 193 -14.69 11.67 -12.92
N VAL B 194 -14.42 11.60 -11.63
CA VAL B 194 -14.00 10.34 -10.98
C VAL B 194 -14.84 9.14 -11.34
N ILE B 195 -16.16 9.29 -11.30
CA ILE B 195 -17.08 8.19 -11.59
C ILE B 195 -17.02 7.74 -13.04
N GLY B 196 -17.05 8.70 -13.95
CA GLY B 196 -16.99 8.40 -15.38
C GLY B 196 -15.71 7.68 -15.78
N LEU B 197 -14.59 8.12 -15.22
CA LEU B 197 -13.29 7.52 -15.53
C LEU B 197 -13.15 6.08 -15.04
N GLU B 198 -13.68 5.81 -13.83
CA GLU B 198 -13.65 4.44 -13.27
C GLU B 198 -14.56 3.50 -14.07
N LEU B 199 -15.76 3.95 -14.39
CA LEU B 199 -16.70 3.14 -15.17
C LEU B 199 -16.20 3.00 -16.62
N GLY B 200 -15.58 4.04 -17.16
CA GLY B 200 -15.03 3.99 -18.51
C GLY B 200 -13.86 3.01 -18.59
N SER B 201 -13.00 3.04 -17.58
CA SER B 201 -11.84 2.15 -17.50
C SER B 201 -12.24 0.68 -17.49
N VAL B 202 -13.25 0.33 -16.68
CA VAL B 202 -13.69 -1.05 -16.57
C VAL B 202 -14.01 -1.66 -17.91
N TRP B 203 -14.96 -1.07 -18.63
CA TRP B 203 -15.40 -1.63 -19.90
C TRP B 203 -14.35 -1.49 -21.01
N ALA B 204 -13.50 -0.46 -20.93
CA ALA B 204 -12.43 -0.30 -21.93
C ALA B 204 -11.50 -1.50 -21.85
N ARG B 205 -11.14 -1.89 -20.64
CA ARG B 205 -10.25 -3.05 -20.41
C ARG B 205 -10.85 -4.32 -20.93
N LEU B 206 -12.17 -4.40 -20.91
CA LEU B 206 -12.84 -5.61 -21.39
C LEU B 206 -13.12 -5.63 -22.90
N GLY B 207 -12.60 -4.62 -23.62
CA GLY B 207 -12.73 -4.57 -25.10
C GLY B 207 -13.63 -3.51 -25.69
N ALA B 208 -14.30 -2.71 -24.85
CA ALA B 208 -15.18 -1.66 -25.36
C ALA B 208 -14.40 -0.52 -25.97
N GLU B 209 -15.02 0.14 -26.95
CA GLU B 209 -14.44 1.31 -27.57
C GLU B 209 -15.10 2.45 -26.79
N VAL B 210 -14.36 2.98 -25.80
CA VAL B 210 -14.88 4.05 -24.94
C VAL B 210 -14.54 5.47 -25.37
N THR B 211 -15.57 6.33 -25.35
CA THR B 211 -15.43 7.75 -25.67
C THR B 211 -16.03 8.51 -24.49
N VAL B 212 -15.28 9.47 -23.94
CA VAL B 212 -15.72 10.26 -22.80
C VAL B 212 -15.94 11.71 -23.22
N LEU B 213 -17.19 12.15 -23.26
CA LEU B 213 -17.52 13.51 -23.64
C LEU B 213 -17.63 14.40 -22.40
N GLU B 214 -16.64 15.28 -22.23
CA GLU B 214 -16.60 16.23 -21.11
C GLU B 214 -16.87 17.63 -21.62
N ALA B 215 -17.89 18.27 -21.07
CA ALA B 215 -18.31 19.63 -21.44
C ALA B 215 -17.32 20.69 -20.95
N LEU B 216 -16.69 20.43 -19.80
CA LEU B 216 -15.71 21.34 -19.21
C LEU B 216 -14.40 21.32 -20.01
N ASP B 217 -13.67 22.44 -19.97
CA ASP B 217 -12.39 22.56 -20.68
C ASP B 217 -11.24 21.95 -19.90
N THR B 218 -11.51 21.59 -18.65
CA THR B 218 -10.51 21.01 -17.76
C THR B 218 -10.72 19.53 -17.53
N PHE B 219 -9.71 18.91 -16.92
CA PHE B 219 -9.70 17.49 -16.60
C PHE B 219 -9.12 17.37 -15.19
N LEU B 220 -9.96 16.95 -14.24
CA LEU B 220 -9.57 16.82 -12.83
C LEU B 220 -8.90 18.08 -12.32
N MET B 221 -9.58 19.23 -12.43
CA MET B 221 -8.97 20.50 -11.98
C MET B 221 -8.69 20.53 -10.47
N ALA B 222 -9.40 19.67 -9.72
CA ALA B 222 -9.22 19.57 -8.27
C ALA B 222 -7.86 18.95 -7.93
N ALA B 223 -7.36 18.10 -8.84
CA ALA B 223 -6.07 17.45 -8.66
C ALA B 223 -4.96 18.40 -9.06
N ASP B 224 -3.74 17.98 -8.78
CA ASP B 224 -2.57 18.78 -9.10
C ASP B 224 -2.40 18.77 -10.60
N THR B 225 -1.91 19.88 -11.13
CA THR B 225 -1.67 20.03 -12.57
C THR B 225 -0.83 18.91 -13.14
N ALA B 226 0.18 18.46 -12.39
CA ALA B 226 1.06 17.37 -12.84
C ALA B 226 0.35 16.02 -12.80
N VAL B 227 -0.42 15.79 -11.74
CA VAL B 227 -1.19 14.55 -11.59
C VAL B 227 -2.25 14.46 -12.65
N SER B 228 -2.97 15.56 -12.93
CA SER B 228 -4.02 15.54 -13.96
C SER B 228 -3.47 15.44 -15.38
N LYS B 229 -2.29 16.00 -15.62
CA LYS B 229 -1.66 15.92 -16.93
C LYS B 229 -1.26 14.46 -17.19
N GLU B 230 -0.76 13.78 -16.15
CA GLU B 230 -0.34 12.38 -16.26
C GLU B 230 -1.55 11.44 -16.37
N ALA B 231 -2.58 11.69 -15.60
CA ALA B 231 -3.78 10.84 -15.65
C ALA B 231 -4.42 10.84 -17.03
N GLN B 232 -4.49 12.01 -17.65
CA GLN B 232 -5.09 12.14 -18.99
C GLN B 232 -4.26 11.39 -20.03
N LYS B 233 -2.93 11.49 -19.93
CA LYS B 233 -2.01 10.81 -20.85
C LYS B 233 -2.11 9.31 -20.73
N THR B 234 -2.05 8.80 -19.50
CA THR B 234 -2.13 7.36 -19.23
C THR B 234 -3.51 6.81 -19.58
N LEU B 235 -4.57 7.54 -19.25
CA LEU B 235 -5.94 7.06 -19.54
C LEU B 235 -6.26 7.04 -21.04
N THR B 236 -5.65 7.93 -21.82
CA THR B 236 -5.89 7.95 -23.27
C THR B 236 -5.20 6.73 -23.90
N LYS B 237 -4.02 6.37 -23.37
CA LYS B 237 -3.33 5.17 -23.83
C LYS B 237 -4.15 3.92 -23.55
N GLN B 238 -4.84 3.89 -22.41
CA GLN B 238 -5.67 2.74 -22.04
C GLN B 238 -6.96 2.57 -22.85
N GLY B 239 -7.24 3.47 -23.79
CA GLY B 239 -8.42 3.36 -24.63
C GLY B 239 -9.56 4.31 -24.32
N LEU B 240 -9.35 5.29 -23.45
CA LEU B 240 -10.39 6.26 -23.16
C LEU B 240 -10.15 7.50 -24.03
N ASP B 241 -10.97 7.67 -25.05
CA ASP B 241 -10.88 8.82 -25.91
C ASP B 241 -11.60 9.98 -25.20
N ILE B 242 -10.85 10.70 -24.38
CA ILE B 242 -11.37 11.82 -23.61
C ILE B 242 -11.41 13.09 -24.47
N LYS B 243 -12.61 13.62 -24.67
CA LYS B 243 -12.84 14.84 -25.46
C LYS B 243 -13.33 15.94 -24.56
N LEU B 244 -12.54 17.00 -24.40
CA LEU B 244 -12.89 18.13 -23.55
C LEU B 244 -13.55 19.21 -24.38
N GLY B 245 -14.26 20.10 -23.71
CA GLY B 245 -14.99 21.19 -24.38
C GLY B 245 -16.06 20.67 -25.33
N ALA B 246 -16.54 19.45 -25.07
CA ALA B 246 -17.57 18.80 -25.88
C ALA B 246 -18.88 18.75 -25.08
N ARG B 247 -19.85 19.59 -25.48
CA ARG B 247 -21.14 19.67 -24.80
C ARG B 247 -22.17 18.86 -25.56
N VAL B 248 -22.86 17.96 -24.87
CA VAL B 248 -23.90 17.14 -25.48
C VAL B 248 -25.17 17.97 -25.61
N THR B 249 -25.72 18.02 -26.83
CA THR B 249 -26.92 18.81 -27.14
C THR B 249 -28.17 17.95 -27.39
N GLY B 250 -27.98 16.66 -27.70
CA GLY B 250 -29.14 15.78 -27.95
C GLY B 250 -28.75 14.32 -28.21
N SER B 251 -29.74 13.42 -28.11
CA SER B 251 -29.54 11.98 -28.36
C SER B 251 -30.78 11.36 -29.01
N LYS B 252 -30.59 10.27 -29.76
CA LYS B 252 -31.68 9.56 -30.45
C LYS B 252 -31.47 8.06 -30.27
N VAL B 253 -32.34 7.39 -29.49
CA VAL B 253 -32.22 5.94 -29.27
C VAL B 253 -32.92 5.25 -30.46
N ASN B 254 -32.29 4.20 -31.00
CA ASN B 254 -32.83 3.43 -32.14
C ASN B 254 -32.47 1.96 -31.99
N GLY B 255 -33.39 1.17 -31.46
CA GLY B 255 -33.15 -0.26 -31.21
C GLY B 255 -32.16 -0.33 -30.06
N ASN B 256 -31.01 -0.98 -30.29
CA ASN B 256 -29.94 -1.10 -29.28
C ASN B 256 -28.82 -0.11 -29.50
N GLU B 257 -29.14 1.06 -30.03
CA GLU B 257 -28.13 2.08 -30.30
C GLU B 257 -28.60 3.46 -29.96
N VAL B 258 -27.65 4.36 -29.78
CA VAL B 258 -27.96 5.74 -29.51
C VAL B 258 -26.96 6.63 -30.23
N GLU B 259 -27.48 7.60 -30.98
CA GLU B 259 -26.67 8.55 -31.70
C GLU B 259 -26.62 9.81 -30.85
N VAL B 260 -25.44 10.14 -30.35
CA VAL B 260 -25.27 11.33 -29.53
C VAL B 260 -24.80 12.46 -30.43
N THR B 261 -25.28 13.67 -30.14
CA THR B 261 -24.95 14.87 -30.88
C THR B 261 -24.27 15.85 -29.92
N TYR B 262 -23.07 16.32 -30.26
CA TYR B 262 -22.35 17.27 -29.39
C TYR B 262 -21.67 18.41 -30.15
N THR B 263 -21.23 19.42 -29.40
CA THR B 263 -20.57 20.59 -29.93
C THR B 263 -19.28 20.92 -29.17
N ASN B 264 -18.17 21.00 -29.92
CA ASN B 264 -16.86 21.37 -29.37
C ASN B 264 -16.35 22.52 -30.22
N ALA B 265 -15.08 22.88 -30.07
CA ALA B 265 -14.52 23.99 -30.85
C ALA B 265 -14.57 23.84 -32.38
N GLU B 266 -14.59 22.60 -32.86
CA GLU B 266 -14.58 22.30 -34.31
C GLU B 266 -15.94 22.35 -35.01
N GLY B 267 -17.05 22.24 -34.25
CA GLY B 267 -18.41 22.28 -34.81
C GLY B 267 -19.33 21.27 -34.14
N GLU B 268 -20.34 20.82 -34.88
CA GLU B 268 -21.31 19.83 -34.37
C GLU B 268 -20.96 18.42 -34.86
N GLN B 269 -20.69 17.50 -33.94
CA GLN B 269 -20.43 16.10 -34.32
C GLN B 269 -21.46 15.11 -33.83
N LYS B 270 -21.39 13.93 -34.43
CA LYS B 270 -22.25 12.82 -34.13
C LYS B 270 -21.40 11.58 -33.96
N ILE B 271 -21.86 10.71 -33.08
CA ILE B 271 -21.22 9.46 -32.79
C ILE B 271 -22.29 8.56 -32.21
N THR B 272 -22.22 7.28 -32.57
CA THR B 272 -23.18 6.29 -32.16
C THR B 272 -22.57 5.30 -31.17
N PHE B 273 -23.31 4.99 -30.11
CA PHE B 273 -22.85 4.05 -29.10
C PHE B 273 -23.88 2.94 -28.93
N ASP B 274 -23.43 1.81 -28.41
CA ASP B 274 -24.33 0.71 -28.09
C ASP B 274 -24.90 0.96 -26.67
N LYS B 275 -24.11 1.62 -25.83
CA LYS B 275 -24.50 1.92 -24.46
C LYS B 275 -23.94 3.30 -24.13
N LEU B 276 -24.71 4.10 -23.40
CA LEU B 276 -24.31 5.45 -23.01
C LEU B 276 -24.51 5.63 -21.50
N ILE B 277 -23.44 5.99 -20.79
CA ILE B 277 -23.45 6.20 -19.35
C ILE B 277 -23.47 7.71 -19.04
N VAL B 278 -24.49 8.17 -18.32
CA VAL B 278 -24.55 9.58 -17.93
C VAL B 278 -23.91 9.69 -16.56
N ALA B 279 -22.82 10.46 -16.47
CA ALA B 279 -22.12 10.63 -15.20
C ALA B 279 -21.56 12.03 -15.01
N VAL B 280 -22.42 13.04 -15.14
CA VAL B 280 -21.99 14.45 -15.01
C VAL B 280 -21.79 14.94 -13.59
N GLY B 281 -22.34 14.21 -12.62
CA GLY B 281 -22.20 14.58 -11.21
C GLY B 281 -23.39 14.07 -10.42
N ARG B 282 -23.50 14.48 -9.16
CA ARG B 282 -24.59 14.02 -8.30
C ARG B 282 -25.26 15.18 -7.52
N ARG B 283 -26.56 15.09 -7.34
CA ARG B 283 -27.35 16.11 -6.63
C ARG B 283 -27.85 15.56 -5.29
N PRO B 284 -27.92 16.42 -4.24
CA PRO B 284 -28.40 15.96 -2.94
C PRO B 284 -29.89 15.61 -2.93
N VAL B 285 -30.23 14.53 -2.22
CA VAL B 285 -31.61 14.01 -2.12
C VAL B 285 -32.34 14.47 -0.86
N THR B 286 -33.51 15.07 -1.07
CA THR B 286 -34.40 15.52 0.01
C THR B 286 -35.87 15.24 -0.38
N THR B 287 -36.07 14.27 -1.27
CA THR B 287 -37.39 13.89 -1.78
C THR B 287 -38.26 13.40 -0.64
N ASP B 288 -39.34 14.15 -0.34
CA ASP B 288 -40.29 13.82 0.75
C ASP B 288 -39.59 13.61 2.10
N LEU B 289 -38.44 14.23 2.27
CA LEU B 289 -37.67 14.10 3.50
C LEU B 289 -38.14 15.06 4.58
N LEU B 290 -38.65 16.23 4.18
CA LEU B 290 -39.09 17.25 5.13
C LEU B 290 -40.53 17.70 4.98
N ALA B 291 -41.23 17.81 6.10
CA ALA B 291 -42.60 18.32 6.09
C ALA B 291 -42.42 19.82 5.93
N SER B 292 -43.41 20.51 5.37
CA SER B 292 -43.30 21.96 5.15
C SER B 292 -42.96 22.77 6.42
N ASP B 293 -43.46 22.33 7.57
CA ASP B 293 -43.23 23.01 8.87
C ASP B 293 -42.18 22.33 9.79
N SER B 294 -41.26 21.58 9.19
CA SER B 294 -40.21 20.89 9.95
C SER B 294 -39.14 21.83 10.48
N GLY B 295 -39.03 22.99 9.84
CA GLY B 295 -38.06 24.01 10.23
C GLY B 295 -36.67 23.85 9.65
N VAL B 296 -36.45 22.83 8.82
CA VAL B 296 -35.14 22.60 8.23
C VAL B 296 -35.09 23.28 6.86
N THR B 297 -34.13 24.18 6.71
CA THR B 297 -33.99 24.96 5.48
C THR B 297 -33.13 24.26 4.45
N ILE B 298 -33.55 24.35 3.19
CA ILE B 298 -32.83 23.79 2.04
C ILE B 298 -32.19 24.98 1.33
N ASP B 299 -31.04 24.76 0.66
CA ASP B 299 -30.39 25.87 -0.07
C ASP B 299 -30.72 25.83 -1.57
N GLU B 300 -30.32 26.89 -2.26
CA GLU B 300 -30.52 27.04 -3.72
C GLU B 300 -30.10 25.85 -4.58
N ARG B 301 -29.11 25.09 -4.12
CA ARG B 301 -28.62 23.94 -4.88
C ARG B 301 -29.13 22.58 -4.37
N GLY B 302 -30.04 22.60 -3.38
CA GLY B 302 -30.62 21.36 -2.83
C GLY B 302 -30.05 20.81 -1.53
N TYR B 303 -28.96 21.41 -1.04
CA TYR B 303 -28.32 20.96 0.19
C TYR B 303 -29.00 21.48 1.44
N ILE B 304 -28.98 20.67 2.49
CA ILE B 304 -29.56 21.06 3.77
C ILE B 304 -28.58 21.99 4.49
N PHE B 305 -29.04 23.17 4.91
CA PHE B 305 -28.19 24.10 5.63
C PHE B 305 -27.72 23.54 6.98
N VAL B 306 -26.43 23.65 7.23
CA VAL B 306 -25.83 23.24 8.49
C VAL B 306 -24.64 24.15 8.79
N ASP B 307 -24.25 24.20 10.06
CA ASP B 307 -23.09 24.99 10.48
C ASP B 307 -21.81 24.14 10.33
N ASP B 308 -20.69 24.60 10.87
CA ASP B 308 -19.42 23.85 10.79
C ASP B 308 -19.43 22.52 11.55
N TYR B 309 -20.48 22.27 12.33
CA TYR B 309 -20.63 21.05 13.11
C TYR B 309 -21.78 20.17 12.62
N CYS B 310 -22.26 20.41 11.40
CA CYS B 310 -23.39 19.65 10.82
C CYS B 310 -24.74 19.74 11.56
N ALA B 311 -24.92 20.84 12.28
CA ALA B 311 -26.16 21.10 13.00
C ALA B 311 -27.06 22.02 12.18
N THR B 312 -28.34 21.67 12.07
CA THR B 312 -29.32 22.50 11.36
C THR B 312 -29.87 23.56 12.32
N SER B 313 -30.76 24.41 11.81
CA SER B 313 -31.39 25.48 12.59
C SER B 313 -32.16 24.90 13.79
N VAL B 314 -32.79 23.76 13.54
CA VAL B 314 -33.60 23.10 14.52
C VAL B 314 -32.70 22.45 15.58
N PRO B 315 -32.98 22.70 16.88
CA PRO B 315 -32.18 22.07 17.92
C PRO B 315 -32.37 20.57 17.87
N GLY B 316 -31.29 19.82 17.98
CA GLY B 316 -31.37 18.36 17.93
C GLY B 316 -31.54 17.75 16.54
N VAL B 317 -31.49 18.56 15.49
CA VAL B 317 -31.61 18.03 14.12
C VAL B 317 -30.29 18.33 13.41
N TYR B 318 -29.64 17.26 12.99
CA TYR B 318 -28.35 17.35 12.31
C TYR B 318 -28.50 16.76 10.92
N ALA B 319 -27.60 17.17 10.03
CA ALA B 319 -27.59 16.64 8.67
C ALA B 319 -26.14 16.41 8.24
N ILE B 320 -25.86 15.20 7.78
CA ILE B 320 -24.52 14.80 7.40
C ILE B 320 -24.38 14.18 6.01
N GLY B 321 -23.14 14.04 5.56
CA GLY B 321 -22.83 13.41 4.27
C GLY B 321 -23.11 14.23 3.04
N ASP B 322 -23.40 13.55 1.92
CA ASP B 322 -23.62 14.22 0.62
C ASP B 322 -24.76 15.23 0.60
N VAL B 323 -25.77 15.04 1.47
CA VAL B 323 -26.93 15.95 1.49
C VAL B 323 -26.53 17.34 2.03
N VAL B 324 -25.31 17.47 2.56
CA VAL B 324 -24.81 18.78 3.02
C VAL B 324 -23.54 19.19 2.25
N ARG B 325 -23.10 20.43 2.47
CA ARG B 325 -21.91 20.98 1.82
C ARG B 325 -20.70 20.10 2.10
N GLY B 326 -19.67 20.25 1.25
CA GLY B 326 -18.42 19.50 1.38
C GLY B 326 -18.22 18.46 0.30
N MET B 327 -17.01 17.87 0.27
CA MET B 327 -16.69 16.79 -0.67
C MET B 327 -17.63 15.58 -0.50
N MET B 328 -18.25 15.15 -1.59
CA MET B 328 -19.11 13.97 -1.58
C MET B 328 -18.29 12.68 -1.62
N LEU B 329 -17.71 12.35 -0.47
CA LEU B 329 -16.92 11.13 -0.27
C LEU B 329 -17.49 10.37 0.93
N ALA B 330 -17.34 9.04 0.93
CA ALA B 330 -17.86 8.19 1.99
C ALA B 330 -17.19 8.43 3.33
N HIS B 331 -15.86 8.52 3.32
CA HIS B 331 -15.13 8.81 4.53
C HIS B 331 -15.45 10.20 5.11
N LYS B 332 -15.90 11.12 4.28
CA LYS B 332 -16.29 12.44 4.77
C LYS B 332 -17.58 12.27 5.55
N ALA B 333 -18.56 11.64 4.91
CA ALA B 333 -19.85 11.38 5.49
C ALA B 333 -19.71 10.66 6.83
N SER B 334 -18.90 9.60 6.86
CA SER B 334 -18.70 8.82 8.08
C SER B 334 -18.18 9.71 9.19
N GLU B 335 -17.09 10.45 8.94
CA GLU B 335 -16.54 11.33 9.97
C GLU B 335 -17.54 12.37 10.49
N GLU B 336 -18.40 12.86 9.61
CA GLU B 336 -19.43 13.81 10.01
C GLU B 336 -20.41 13.10 10.92
N GLY B 337 -20.70 11.83 10.63
CA GLY B 337 -21.61 11.04 11.46
C GLY B 337 -21.07 10.90 12.88
N ILE B 338 -19.78 10.61 12.99
CA ILE B 338 -19.13 10.46 14.29
C ILE B 338 -19.09 11.81 15.01
N MET B 339 -18.65 12.86 14.31
CA MET B 339 -18.60 14.21 14.88
C MET B 339 -19.95 14.61 15.52
N VAL B 340 -21.02 14.37 14.77
CA VAL B 340 -22.38 14.68 15.20
C VAL B 340 -22.81 13.92 16.45
N VAL B 341 -22.60 12.61 16.47
CA VAL B 341 -22.98 11.78 17.60
C VAL B 341 -22.25 12.19 18.89
N GLU B 342 -20.97 12.50 18.78
CA GLU B 342 -20.19 12.97 19.94
C GLU B 342 -20.72 14.31 20.43
N ARG B 343 -21.10 15.19 19.50
CA ARG B 343 -21.66 16.50 19.85
C ARG B 343 -22.96 16.28 20.66
N ILE B 344 -23.79 15.34 20.19
CA ILE B 344 -25.06 15.01 20.87
C ILE B 344 -24.79 14.55 22.30
N LYS B 345 -23.74 13.75 22.48
CA LYS B 345 -23.38 13.23 23.79
C LYS B 345 -22.65 14.32 24.62
N GLY B 346 -22.51 15.51 24.05
CA GLY B 346 -21.92 16.64 24.75
C GLY B 346 -20.45 16.91 24.55
N HIS B 347 -19.78 16.14 23.69
CA HIS B 347 -18.35 16.38 23.42
C HIS B 347 -18.17 17.68 22.62
N LYS B 348 -17.04 18.36 22.86
CA LYS B 348 -16.70 19.60 22.16
C LYS B 348 -15.99 19.20 20.87
N ALA B 349 -16.57 18.26 20.15
CA ALA B 349 -15.96 17.68 18.97
C ALA B 349 -16.13 18.48 17.69
N GLN B 350 -15.07 18.48 16.89
CA GLN B 350 -15.10 19.07 15.56
C GLN B 350 -14.07 18.35 14.71
N MET B 351 -14.52 17.76 13.61
CA MET B 351 -13.63 17.05 12.70
C MET B 351 -12.74 18.02 11.92
N ASN B 352 -11.74 17.44 11.25
CA ASN B 352 -10.76 18.19 10.51
C ASN B 352 -11.01 18.02 9.03
N TYR B 353 -11.56 19.05 8.39
CA TYR B 353 -11.83 19.04 6.94
C TYR B 353 -10.60 19.32 6.05
N ASP B 354 -9.50 19.77 6.64
CA ASP B 354 -8.32 20.16 5.88
C ASP B 354 -7.52 18.99 5.33
N LEU B 355 -7.59 17.84 5.99
CA LEU B 355 -6.82 16.66 5.59
C LEU B 355 -7.68 15.49 5.15
N ILE B 356 -8.64 15.75 4.26
CA ILE B 356 -9.50 14.68 3.73
C ILE B 356 -8.90 14.28 2.39
N PRO B 357 -8.31 13.08 2.30
CA PRO B 357 -7.74 12.71 1.00
C PRO B 357 -8.80 12.31 0.00
N SER B 358 -8.40 12.38 -1.27
CA SER B 358 -9.27 12.00 -2.38
C SER B 358 -8.57 10.86 -3.10
N VAL B 359 -9.34 9.88 -3.56
CA VAL B 359 -8.78 8.74 -4.28
C VAL B 359 -9.60 8.43 -5.54
N ILE B 360 -8.89 8.18 -6.63
CA ILE B 360 -9.48 7.81 -7.92
C ILE B 360 -8.91 6.42 -8.15
N TYR B 361 -9.79 5.43 -8.28
CA TYR B 361 -9.37 4.04 -8.38
C TYR B 361 -9.10 3.51 -9.80
N THR B 362 -8.61 4.40 -10.66
CA THR B 362 -8.20 3.98 -11.99
C THR B 362 -6.86 3.26 -11.78
N HIS B 363 -6.25 2.80 -12.85
CA HIS B 363 -4.94 2.19 -12.74
C HIS B 363 -4.08 2.92 -13.80
N PRO B 364 -3.01 3.62 -13.41
CA PRO B 364 -2.53 3.77 -12.05
C PRO B 364 -3.51 4.49 -11.13
N GLU B 365 -3.47 4.15 -9.85
CA GLU B 365 -4.33 4.75 -8.84
C GLU B 365 -3.86 6.20 -8.62
N ILE B 366 -4.81 7.08 -8.35
CA ILE B 366 -4.54 8.50 -8.13
C ILE B 366 -5.10 8.90 -6.78
N ALA B 367 -4.32 9.68 -6.03
CA ALA B 367 -4.76 10.15 -4.74
C ALA B 367 -3.96 11.35 -4.29
N TRP B 368 -4.54 12.16 -3.41
CA TRP B 368 -3.86 13.32 -2.88
C TRP B 368 -4.53 13.84 -1.61
N VAL B 369 -3.78 14.64 -0.87
CA VAL B 369 -4.27 15.28 0.35
C VAL B 369 -3.54 16.62 0.47
N GLY B 370 -4.25 17.63 0.99
CA GLY B 370 -3.68 18.97 1.15
C GLY B 370 -3.94 19.80 -0.09
N LYS B 371 -3.17 20.86 -0.25
CA LYS B 371 -3.33 21.79 -1.37
C LYS B 371 -2.48 21.46 -2.58
N THR B 372 -2.98 21.85 -3.76
CA THR B 372 -2.30 21.63 -5.05
C THR B 372 -1.25 22.71 -5.27
N GLU B 373 -0.37 22.49 -6.24
CA GLU B 373 0.66 23.49 -6.53
C GLU B 373 0.03 24.75 -7.11
N GLN B 374 -0.93 24.58 -8.03
CA GLN B 374 -1.55 25.75 -8.66
C GLN B 374 -2.43 26.58 -7.71
N ALA B 375 -3.05 25.95 -6.72
CA ALA B 375 -3.89 26.66 -5.74
C ALA B 375 -3.05 27.52 -4.78
N LEU B 376 -1.82 27.06 -4.52
CA LEU B 376 -0.86 27.78 -3.65
C LEU B 376 -0.14 28.91 -4.40
N LYS B 377 -0.05 28.84 -5.73
CA LYS B 377 0.57 29.93 -6.51
C LYS B 377 -0.43 31.09 -6.54
N ALA B 378 -1.73 30.74 -6.60
CA ALA B 378 -2.81 31.72 -6.59
C ALA B 378 -3.00 32.30 -5.18
N GLU B 379 -2.65 31.51 -4.16
CA GLU B 379 -2.78 31.91 -2.75
C GLU B 379 -1.57 32.77 -2.28
N GLY B 380 -0.54 32.91 -3.13
CA GLY B 380 0.64 33.74 -2.83
C GLY B 380 1.63 33.13 -1.86
N VAL B 381 1.73 31.81 -1.87
CA VAL B 381 2.61 31.07 -0.97
C VAL B 381 3.80 30.51 -1.75
N GLU B 382 5.01 30.91 -1.36
CA GLU B 382 6.22 30.41 -1.99
C GLU B 382 6.43 28.98 -1.52
N VAL B 383 6.57 28.03 -2.45
CA VAL B 383 6.72 26.61 -2.12
C VAL B 383 7.94 25.93 -2.69
N ASN B 384 8.29 24.80 -2.06
CA ASN B 384 9.39 23.94 -2.50
C ASN B 384 8.74 22.62 -2.91
N VAL B 385 9.11 22.16 -4.11
CA VAL B 385 8.56 20.95 -4.71
C VAL B 385 9.58 19.84 -4.92
N GLY B 386 9.26 18.66 -4.39
CA GLY B 386 10.10 17.46 -4.53
C GLY B 386 9.27 16.32 -5.14
N THR B 387 9.83 15.64 -6.12
CA THR B 387 9.12 14.52 -6.76
C THR B 387 10.02 13.31 -6.91
N PHE B 388 9.40 12.14 -6.97
CA PHE B 388 10.13 10.88 -7.18
C PHE B 388 9.27 10.00 -8.09
N PRO B 389 9.83 9.60 -9.24
CA PRO B 389 9.08 8.76 -10.16
C PRO B 389 9.18 7.31 -9.78
N PHE B 390 8.13 6.54 -10.04
CA PHE B 390 8.17 5.10 -9.75
C PHE B 390 9.11 4.36 -10.70
N ALA B 391 9.48 5.02 -11.80
CA ALA B 391 10.44 4.44 -12.75
C ALA B 391 11.80 4.16 -12.09
N ALA B 392 12.07 4.79 -10.95
CA ALA B 392 13.31 4.58 -10.22
C ALA B 392 13.11 3.72 -8.95
N SER B 393 11.90 3.23 -8.72
CA SER B 393 11.63 2.41 -7.54
C SER B 393 11.89 0.96 -7.85
N GLY B 394 12.78 0.34 -7.10
CA GLY B 394 13.09 -1.08 -7.28
C GLY B 394 11.87 -1.96 -7.04
N ARG B 395 11.10 -1.64 -6.02
CA ARG B 395 9.90 -2.42 -5.70
C ARG B 395 8.91 -2.35 -6.83
N ALA B 396 8.78 -1.16 -7.44
CA ALA B 396 7.86 -0.99 -8.55
C ALA B 396 8.31 -1.78 -9.77
N MET B 397 9.62 -1.84 -10.03
CA MET B 397 10.13 -2.58 -11.17
C MET B 397 9.84 -4.06 -11.00
N ALA B 398 9.99 -4.56 -9.77
CA ALA B 398 9.73 -5.97 -9.48
C ALA B 398 8.29 -6.32 -9.81
N ALA B 399 7.39 -5.40 -9.53
CA ALA B 399 5.96 -5.58 -9.78
C ALA B 399 5.52 -5.34 -11.21
N ASN B 400 6.45 -4.82 -12.02
CA ASN B 400 6.22 -4.46 -13.43
C ASN B 400 5.17 -3.37 -13.54
N ASP B 401 5.20 -2.43 -12.61
CA ASP B 401 4.26 -1.32 -12.62
C ASP B 401 5.01 -0.06 -12.18
N THR B 402 5.75 0.53 -13.10
CA THR B 402 6.59 1.68 -12.84
C THR B 402 6.04 3.07 -13.17
N GLY B 403 4.85 3.16 -13.78
CA GLY B 403 4.31 4.47 -14.13
C GLY B 403 3.89 5.33 -12.96
N GLY B 404 4.06 6.65 -13.13
CA GLY B 404 3.65 7.62 -12.13
C GLY B 404 4.73 8.20 -11.26
N PHE B 405 4.32 8.98 -10.26
CA PHE B 405 5.25 9.62 -9.33
C PHE B 405 4.58 10.05 -8.02
N VAL B 406 5.40 10.51 -7.09
CA VAL B 406 4.97 11.05 -5.82
C VAL B 406 5.47 12.48 -5.80
N LYS B 407 4.59 13.41 -5.43
CA LYS B 407 4.93 14.82 -5.37
C LYS B 407 4.58 15.40 -3.99
N VAL B 408 5.61 15.95 -3.33
CA VAL B 408 5.48 16.58 -2.02
C VAL B 408 5.69 18.09 -2.19
N ILE B 409 4.84 18.86 -1.49
CA ILE B 409 4.88 20.33 -1.53
C ILE B 409 5.05 20.88 -0.11
N ALA B 410 6.07 21.71 0.08
CA ALA B 410 6.32 22.33 1.38
C ALA B 410 6.46 23.82 1.24
N ASP B 411 6.26 24.54 2.34
CA ASP B 411 6.38 25.99 2.39
C ASP B 411 7.87 26.36 2.37
N ALA B 412 8.25 27.29 1.49
CA ALA B 412 9.67 27.68 1.35
C ALA B 412 10.32 28.22 2.62
N LYS B 413 9.54 28.82 3.51
CA LYS B 413 10.08 29.39 4.75
C LYS B 413 10.09 28.42 5.93
N THR B 414 8.94 27.79 6.21
CA THR B 414 8.85 26.86 7.36
C THR B 414 9.25 25.43 7.04
N ASP B 415 9.15 25.03 5.77
CA ASP B 415 9.42 23.65 5.31
C ASP B 415 8.22 22.71 5.65
N ARG B 416 7.12 23.27 6.17
CA ARG B 416 5.94 22.48 6.50
C ARG B 416 5.29 21.89 5.26
N VAL B 417 5.03 20.59 5.27
CA VAL B 417 4.38 19.92 4.15
C VAL B 417 2.96 20.46 4.04
N LEU B 418 2.65 21.09 2.90
CA LEU B 418 1.33 21.68 2.62
C LEU B 418 0.46 20.78 1.74
N GLY B 419 1.07 19.77 1.11
CA GLY B 419 0.32 18.85 0.26
C GLY B 419 1.13 17.68 -0.29
N VAL B 420 0.47 16.52 -0.41
CA VAL B 420 1.08 15.28 -0.93
C VAL B 420 0.16 14.75 -2.03
N HIS B 421 0.75 14.49 -3.20
CA HIS B 421 0.00 14.03 -4.37
C HIS B 421 0.70 12.84 -5.01
N VAL B 422 -0.09 11.80 -5.32
CA VAL B 422 0.46 10.58 -5.90
C VAL B 422 -0.37 9.99 -7.04
N ILE B 423 0.34 9.50 -8.05
CA ILE B 423 -0.27 8.78 -9.15
C ILE B 423 0.65 7.58 -9.36
N GLY B 424 0.14 6.38 -9.06
CA GLY B 424 0.95 5.16 -9.22
C GLY B 424 0.51 4.01 -8.31
N PRO B 425 1.34 2.99 -8.17
CA PRO B 425 1.00 1.85 -7.32
C PRO B 425 0.82 2.27 -5.86
N SER B 426 -0.19 1.68 -5.20
CA SER B 426 -0.50 1.97 -3.79
C SER B 426 -0.59 3.46 -3.44
N ALA B 427 -1.06 4.25 -4.41
CA ALA B 427 -1.20 5.71 -4.25
C ALA B 427 -1.99 6.10 -3.00
N ALA B 428 -3.11 5.41 -2.73
CA ALA B 428 -3.96 5.71 -1.56
C ALA B 428 -3.21 5.56 -0.23
N GLU B 429 -2.40 4.50 -0.13
CA GLU B 429 -1.60 4.22 1.07
C GLU B 429 -0.47 5.23 1.27
N LEU B 430 0.21 5.62 0.18
CA LEU B 430 1.28 6.60 0.32
C LEU B 430 0.73 7.95 0.74
N VAL B 431 -0.42 8.32 0.18
CA VAL B 431 -1.05 9.59 0.54
C VAL B 431 -1.49 9.58 2.01
N GLN B 432 -1.96 8.43 2.50
CA GLN B 432 -2.37 8.37 3.89
C GLN B 432 -1.14 8.61 4.79
N GLN B 433 0.01 8.06 4.41
CA GLN B 433 1.25 8.27 5.17
C GLN B 433 1.53 9.77 5.27
N GLY B 434 1.34 10.47 4.14
CA GLY B 434 1.51 11.93 4.08
C GLY B 434 0.52 12.63 5.02
N ALA B 435 -0.76 12.27 4.90
CA ALA B 435 -1.81 12.85 5.74
C ALA B 435 -1.47 12.74 7.23
N ILE B 436 -1.04 11.54 7.65
CA ILE B 436 -0.66 11.33 9.05
C ILE B 436 0.50 12.26 9.47
N ALA B 437 1.52 12.35 8.63
CA ALA B 437 2.67 13.24 8.89
C ALA B 437 2.22 14.70 9.01
N MET B 438 1.39 15.13 8.06
CA MET B 438 0.85 16.51 8.05
C MET B 438 0.00 16.77 9.29
N GLU B 439 -0.77 15.75 9.74
CA GLU B 439 -1.57 15.88 10.96
C GLU B 439 -0.67 16.30 12.14
N PHE B 440 0.52 15.70 12.23
CA PHE B 440 1.48 16.07 13.27
C PHE B 440 2.35 17.29 12.81
N GLY B 441 1.95 17.93 11.71
CA GLY B 441 2.65 19.11 11.19
C GLY B 441 4.07 18.84 10.77
N THR B 442 4.24 17.92 9.82
CA THR B 442 5.59 17.55 9.39
C THR B 442 6.29 18.55 8.47
N SER B 443 7.61 18.47 8.46
CA SER B 443 8.38 19.28 7.53
C SER B 443 8.87 18.30 6.49
N ALA B 444 9.32 18.82 5.36
CA ALA B 444 9.87 17.96 4.32
C ALA B 444 11.09 17.23 4.93
N GLU B 445 11.84 17.94 5.75
CA GLU B 445 13.00 17.36 6.43
C GLU B 445 12.59 16.22 7.39
N ASP B 446 11.56 16.44 8.23
CA ASP B 446 11.08 15.41 9.19
C ASP B 446 10.87 14.04 8.54
N LEU B 447 10.16 14.00 7.41
CA LEU B 447 9.92 12.75 6.69
C LEU B 447 11.19 12.18 6.10
N GLY B 448 12.04 13.06 5.55
CA GLY B 448 13.31 12.65 4.96
C GLY B 448 14.33 12.06 5.92
N MET B 449 14.10 12.26 7.20
CA MET B 449 14.97 11.73 8.26
C MET B 449 14.44 10.41 8.86
N MET B 450 13.26 9.98 8.45
CA MET B 450 12.69 8.74 8.97
C MET B 450 13.24 7.53 8.24
N VAL B 451 13.13 6.39 8.89
CA VAL B 451 13.61 5.15 8.33
C VAL B 451 12.44 4.48 7.61
N PHE B 452 12.60 4.31 6.29
CA PHE B 452 11.61 3.67 5.42
C PHE B 452 12.08 2.29 4.97
N SER B 453 11.20 1.28 5.07
CA SER B 453 11.56 -0.08 4.64
C SER B 453 12.10 -0.15 3.21
N HIS B 454 12.99 -1.10 2.95
CA HIS B 454 13.57 -1.27 1.61
C HIS B 454 13.56 -2.74 1.26
N PRO B 455 13.01 -3.12 0.11
CA PRO B 455 12.42 -2.20 -0.86
C PRO B 455 10.91 -2.11 -0.70
N THR B 456 10.35 -0.92 -0.74
CA THR B 456 8.89 -0.73 -0.62
C THR B 456 8.47 0.48 -1.46
N LEU B 457 7.20 0.54 -1.83
CA LEU B 457 6.67 1.65 -2.59
C LEU B 457 6.68 2.94 -1.74
N SER B 458 6.66 2.77 -0.43
CA SER B 458 6.66 3.90 0.50
C SER B 458 7.90 4.76 0.33
N GLU B 459 8.98 4.18 -0.16
CA GLU B 459 10.24 4.93 -0.35
C GLU B 459 10.08 6.11 -1.32
N ALA B 460 9.16 6.00 -2.25
CA ALA B 460 8.93 7.09 -3.19
C ALA B 460 8.49 8.35 -2.44
N LEU B 461 7.76 8.18 -1.34
CA LEU B 461 7.34 9.33 -0.51
C LEU B 461 8.54 9.89 0.25
N HIS B 462 9.46 8.99 0.62
CA HIS B 462 10.67 9.35 1.35
C HIS B 462 11.58 10.15 0.42
N GLU B 463 11.89 9.61 -0.77
CA GLU B 463 12.75 10.34 -1.73
C GLU B 463 12.12 11.66 -2.18
N ALA B 464 10.79 11.70 -2.23
CA ALA B 464 10.08 12.92 -2.61
C ALA B 464 10.30 13.99 -1.56
N ALA B 465 10.14 13.61 -0.28
CA ALA B 465 10.37 14.53 0.83
C ALA B 465 11.82 15.07 0.84
N LEU B 466 12.80 14.19 0.63
CA LEU B 466 14.19 14.63 0.60
C LEU B 466 14.48 15.56 -0.59
N ALA B 467 13.86 15.25 -1.73
CA ALA B 467 14.04 16.06 -2.95
C ALA B 467 13.48 17.48 -2.81
N VAL B 468 12.63 17.69 -1.81
CA VAL B 468 12.04 19.02 -1.53
C VAL B 468 13.17 20.03 -1.29
N ASN B 469 14.11 19.66 -0.42
CA ASN B 469 15.26 20.49 -0.04
C ASN B 469 16.53 20.05 -0.77
N GLY B 470 16.39 19.42 -1.94
CA GLY B 470 17.52 18.93 -2.74
C GLY B 470 18.49 17.98 -2.05
N GLY B 471 17.96 17.04 -1.25
CA GLY B 471 18.77 16.06 -0.52
C GLY B 471 18.44 14.61 -0.82
N ALA B 472 17.66 14.37 -1.89
CA ALA B 472 17.29 13.01 -2.29
C ALA B 472 18.52 12.23 -2.73
N ILE B 473 18.51 10.93 -2.44
CA ILE B 473 19.62 10.02 -2.74
C ILE B 473 19.45 9.24 -4.05
N HIS B 474 18.22 8.79 -4.32
CA HIS B 474 17.95 7.98 -5.53
C HIS B 474 17.51 8.72 -6.81
N VAL B 475 17.58 10.07 -6.79
CA VAL B 475 17.33 10.91 -7.97
C VAL B 475 18.22 12.15 -7.84
N ALA B 476 18.91 12.52 -8.91
CA ALA B 476 19.81 13.69 -8.90
C ALA B 476 19.06 14.98 -8.49
N ASN B 477 19.80 15.92 -7.89
CA ASN B 477 19.26 17.22 -7.41
C ASN B 477 19.88 18.36 -8.24
#